data_6RTE
#
_entry.id   6RTE
#
_cell.length_a   191.123
_cell.length_b   54.957
_cell.length_c   131.896
_cell.angle_alpha   90.000
_cell.angle_beta   132.417
_cell.angle_gamma   90.000
#
_symmetry.space_group_name_H-M   'C 1 2 1'
#
loop_
_entity.id
_entity.type
_entity.pdbx_description
1 polymer 'Cytochrome c'
2 non-polymer 'HEME C'
3 non-polymer (R,R)-2,3-BUTANEDIOL
4 water water
#
_entity_poly.entity_id   1
_entity_poly.type   'polypeptide(L)'
_entity_poly.pdbx_seq_one_letter_code
;MKYLLPTAAAGLLLLAAQPAMAMGWSHPQFEKASGEAPGEALYRQHCQACHGAGRLGGSGPTLLPESLSRLKPAQAREVI
LHGRPATQMAGFAGQLDDAAADALVAYLYQAPPREPQWSAEDIRASQVQPHPLATLPSRPRFEADPLNLFVVVESGDHHV
TILDGDRFEPIARFPSRYALHGGPKFSPDGRLVYFASRDGWVTLYDLYNLKVVAEVRAGLNTRNLAVSDDGRWVLVGNYL
PGNLVLLDARDLSLVQVIPAADAQGQASRVSAVYTAPPRHSFVVALKDVHELWELPYANGKPVAPKRLAVADYLDDFSFS
PDYRYLLGSSRQARGGEVIELDSGARVASIPLSGMPHLGSGIYWKRDGRWVFATPNISRGVISVIDLQNWKPLKEIVTDG
PGFFMRSHADSPYAWTDTFLGKKHDEILLIDKQTLEIAHRLRPSPGKVAGHVEFTRDGRYALLSVWDRDGALVVYDAHSL
EEVKRLPMNKPSGKYNVGNKIGYAEGTSH
;
_entity_poly.pdbx_strand_id   A,B
#
# COMPACT_ATOMS: atom_id res chain seq x y z
N ALA A 37 35.39 8.73 34.02
CA ALA A 37 34.68 8.25 35.20
C ALA A 37 34.85 6.74 35.35
N PRO A 38 34.75 6.24 36.59
CA PRO A 38 34.90 4.80 36.80
C PRO A 38 33.73 3.98 36.29
N GLY A 39 32.54 4.56 36.19
CA GLY A 39 31.40 3.81 35.70
C GLY A 39 31.57 3.36 34.26
N GLU A 40 32.03 4.27 33.40
CA GLU A 40 32.23 3.95 31.99
C GLU A 40 33.16 2.75 31.83
N ALA A 41 34.33 2.80 32.46
CA ALA A 41 35.28 1.70 32.32
C ALA A 41 34.70 0.39 32.81
N LEU A 42 34.03 0.41 33.97
CA LEU A 42 33.33 -0.78 34.43
C LEU A 42 32.29 -1.23 33.40
N TYR A 43 31.64 -0.27 32.74
CA TYR A 43 30.59 -0.63 31.77
C TYR A 43 31.18 -1.36 30.57
N ARG A 44 32.25 -0.81 29.98
CA ARG A 44 32.90 -1.46 28.85
C ARG A 44 33.31 -2.90 29.20
N GLN A 45 33.94 -3.08 30.36
CA GLN A 45 34.47 -4.39 30.71
C GLN A 45 33.36 -5.41 30.94
N HIS A 46 32.30 -5.02 31.66
CA HIS A 46 31.33 -5.99 32.16
C HIS A 46 29.97 -5.94 31.48
N CYS A 47 29.62 -4.86 30.82
CA CYS A 47 28.23 -4.63 30.42
C CYS A 47 28.06 -4.41 28.93
N GLN A 48 29.00 -3.71 28.29
CA GLN A 48 28.84 -3.32 26.90
C GLN A 48 28.59 -4.51 25.98
N ALA A 49 29.04 -5.70 26.38
CA ALA A 49 28.88 -6.88 25.53
C ALA A 49 27.42 -7.09 25.13
N CYS A 50 26.51 -6.86 26.07
CA CYS A 50 25.09 -7.11 25.86
C CYS A 50 24.25 -5.86 25.74
N HIS A 51 24.54 -4.83 26.54
CA HIS A 51 23.78 -3.59 26.48
C HIS A 51 24.31 -2.63 25.43
N GLY A 52 25.40 -2.99 24.77
CA GLY A 52 25.82 -2.31 23.56
C GLY A 52 26.64 -1.08 23.82
N ALA A 53 27.33 -0.65 22.76
CA ALA A 53 28.09 0.59 22.82
C ALA A 53 27.15 1.77 23.02
N GLY A 54 27.53 2.69 23.90
CA GLY A 54 26.72 3.83 24.22
C GLY A 54 25.49 3.55 25.06
N ARG A 55 25.33 2.32 25.55
CA ARG A 55 24.15 1.90 26.29
C ARG A 55 22.91 1.82 25.41
N LEU A 56 23.10 1.74 24.09
CA LEU A 56 21.97 1.75 23.16
C LEU A 56 21.22 0.43 23.14
N GLY A 57 21.81 -0.65 23.60
CA GLY A 57 21.19 -1.95 23.65
C GLY A 57 21.86 -2.94 22.71
N GLY A 58 21.48 -4.20 22.90
CA GLY A 58 21.92 -5.30 22.05
C GLY A 58 21.24 -6.59 22.45
N SER A 59 22.02 -7.59 22.89
CA SER A 59 21.45 -8.73 23.58
C SER A 59 20.55 -8.28 24.72
N GLY A 60 21.01 -7.28 25.49
CA GLY A 60 20.25 -6.73 26.58
C GLY A 60 19.65 -5.39 26.21
N PRO A 61 18.77 -4.89 27.06
CA PRO A 61 18.02 -3.67 26.73
C PRO A 61 18.87 -2.41 26.78
N THR A 62 18.30 -1.36 26.20
CA THR A 62 18.87 -0.02 26.27
C THR A 62 18.89 0.47 27.70
N LEU A 63 19.99 1.10 28.10
CA LEU A 63 20.20 1.52 29.47
C LEU A 63 20.51 3.01 29.55
N LEU A 64 19.76 3.80 28.82
CA LEU A 64 19.82 5.24 28.93
C LEU A 64 18.91 5.73 30.05
N PRO A 65 19.10 6.96 30.52
CA PRO A 65 18.22 7.47 31.60
C PRO A 65 16.75 7.37 31.23
N GLU A 66 16.40 7.73 29.98
CA GLU A 66 15.03 7.59 29.52
C GLU A 66 14.57 6.13 29.59
N SER A 67 15.45 5.20 29.22
CA SER A 67 15.09 3.78 29.21
C SER A 67 14.72 3.30 30.60
N LEU A 68 15.32 3.88 31.63
CA LEU A 68 15.18 3.44 33.02
C LEU A 68 14.22 4.30 33.82
N SER A 69 13.38 5.09 33.14
CA SER A 69 12.45 5.99 33.81
C SER A 69 11.51 5.28 34.77
N ARG A 70 11.27 3.99 34.57
CA ARG A 70 10.40 3.23 35.44
C ARG A 70 11.16 2.37 36.44
N LEU A 71 12.48 2.42 36.44
CA LEU A 71 13.32 1.59 37.30
C LEU A 71 14.08 2.53 38.25
N LYS A 72 13.79 2.44 39.53
CA LYS A 72 14.50 3.27 40.50
C LYS A 72 15.96 2.83 40.59
N PRO A 73 16.90 3.77 40.78
CA PRO A 73 18.31 3.38 40.86
C PRO A 73 18.61 2.31 41.89
N ALA A 74 17.91 2.31 43.02
CA ALA A 74 18.10 1.25 44.01
C ALA A 74 17.69 -0.11 43.44
N GLN A 75 16.67 -0.14 42.58
CA GLN A 75 16.26 -1.38 41.95
C GLN A 75 17.26 -1.80 40.88
N ALA A 76 17.79 -0.84 40.11
CA ALA A 76 18.86 -1.17 39.16
C ALA A 76 20.07 -1.74 39.89
N ARG A 77 20.43 -1.16 41.04
CA ARG A 77 21.56 -1.67 41.80
C ARG A 77 21.37 -3.13 42.17
N GLU A 78 20.16 -3.49 42.62
CA GLU A 78 19.92 -4.88 43.01
C GLU A 78 19.95 -5.80 41.82
N VAL A 79 19.49 -5.33 40.65
CA VAL A 79 19.56 -6.12 39.43
C VAL A 79 21.00 -6.35 39.03
N ILE A 80 21.85 -5.32 39.13
CA ILE A 80 23.25 -5.46 38.77
C ILE A 80 23.95 -6.44 39.69
N LEU A 81 23.58 -6.47 40.96
CA LEU A 81 24.32 -7.28 41.93
C LEU A 81 23.85 -8.73 41.92
N HIS A 82 22.54 -8.95 41.90
CA HIS A 82 21.97 -10.29 42.05
C HIS A 82 21.33 -10.80 40.78
N GLY A 83 21.19 -9.97 39.75
CA GLY A 83 20.59 -10.38 38.52
C GLY A 83 19.07 -10.36 38.62
N ARG A 84 18.44 -10.66 37.49
CA ARG A 84 16.99 -10.71 37.43
C ARG A 84 16.55 -12.17 37.42
N PRO A 85 15.72 -12.62 38.36
CA PRO A 85 15.41 -14.05 38.44
C PRO A 85 14.77 -14.55 37.15
N ALA A 86 15.38 -15.60 36.59
CA ALA A 86 14.84 -16.30 35.43
C ALA A 86 14.96 -15.47 34.15
N THR A 87 16.09 -14.77 34.00
CA THR A 87 16.42 -14.08 32.76
C THR A 87 17.90 -14.31 32.45
N GLN A 88 18.37 -13.71 31.36
CA GLN A 88 19.79 -13.75 31.03
C GLN A 88 20.59 -12.66 31.75
N MET A 89 19.97 -11.84 32.59
CA MET A 89 20.71 -10.84 33.36
C MET A 89 21.13 -11.49 34.68
N ALA A 90 22.39 -11.86 34.78
CA ALA A 90 22.91 -12.46 35.98
C ALA A 90 23.51 -11.40 36.90
N GLY A 91 23.71 -11.80 38.16
CA GLY A 91 24.28 -10.88 39.13
C GLY A 91 25.79 -10.78 39.02
N PHE A 92 26.30 -9.63 39.46
CA PHE A 92 27.73 -9.36 39.42
C PHE A 92 28.31 -9.09 40.80
N ALA A 93 27.55 -9.39 41.86
CA ALA A 93 28.05 -9.16 43.22
C ALA A 93 29.43 -9.78 43.41
N GLY A 94 29.67 -10.95 42.81
CA GLY A 94 30.96 -11.61 42.95
C GLY A 94 32.08 -10.97 42.17
N GLN A 95 31.76 -10.09 41.22
CA GLN A 95 32.77 -9.46 40.38
C GLN A 95 33.08 -8.01 40.77
N LEU A 96 32.17 -7.32 41.45
CA LEU A 96 32.38 -5.92 41.77
C LEU A 96 31.79 -5.60 43.13
N ASP A 97 32.43 -4.65 43.83
CA ASP A 97 32.06 -4.31 45.20
C ASP A 97 31.04 -3.17 45.23
N ASP A 98 30.74 -2.69 46.44
CA ASP A 98 29.70 -1.66 46.61
C ASP A 98 30.04 -0.39 45.85
N ALA A 99 31.30 0.05 45.92
CA ALA A 99 31.69 1.28 45.24
C ALA A 99 31.56 1.13 43.73
N ALA A 100 31.86 -0.05 43.21
CA ALA A 100 31.76 -0.29 41.77
C ALA A 100 30.31 -0.37 41.33
N ALA A 101 29.44 -0.96 42.19
CA ALA A 101 28.01 -1.01 41.88
C ALA A 101 27.40 0.38 41.88
N ASP A 102 27.75 1.20 42.89
CA ASP A 102 27.25 2.57 42.92
C ASP A 102 27.75 3.36 41.71
N ALA A 103 29.03 3.18 41.35
CA ALA A 103 29.56 3.86 40.19
C ALA A 103 28.78 3.50 38.93
N LEU A 104 28.46 2.21 38.76
CA LEU A 104 27.73 1.79 37.57
C LEU A 104 26.33 2.40 37.54
N VAL A 105 25.62 2.36 38.68
CA VAL A 105 24.29 2.95 38.74
C VAL A 105 24.35 4.44 38.40
N ALA A 106 25.29 5.16 39.02
CA ALA A 106 25.43 6.58 38.74
C ALA A 106 25.62 6.83 37.25
N TYR A 107 26.47 6.02 36.60
CA TYR A 107 26.72 6.17 35.18
C TYR A 107 25.47 5.91 34.34
N LEU A 108 24.67 4.91 34.71
CA LEU A 108 23.50 4.57 33.91
C LEU A 108 22.47 5.69 33.94
N TYR A 109 22.31 6.36 35.09
CA TYR A 109 21.30 7.40 35.22
C TYR A 109 21.82 8.79 34.87
N GLN A 110 23.12 8.93 34.64
CA GLN A 110 23.69 10.23 34.28
C GLN A 110 23.43 10.50 32.80
N ALA A 111 22.99 11.71 32.49
CA ALA A 111 22.81 12.08 31.09
C ALA A 111 24.16 12.08 30.38
N PRO A 112 24.23 11.59 29.15
CA PRO A 112 25.52 11.58 28.43
C PRO A 112 25.96 12.99 28.06
N PRO A 113 27.24 13.20 27.78
CA PRO A 113 27.69 14.56 27.45
C PRO A 113 26.96 15.14 26.25
N ARG A 114 26.58 14.32 25.30
CA ARG A 114 25.76 14.74 24.16
C ARG A 114 24.64 13.72 23.97
N GLU A 115 23.50 14.22 23.55
CA GLU A 115 22.33 13.37 23.39
C GLU A 115 22.54 12.35 22.28
N PRO A 116 22.24 11.08 22.51
CA PRO A 116 22.43 10.08 21.45
C PRO A 116 21.50 10.35 20.27
N GLN A 117 22.01 10.07 19.06
CA GLN A 117 21.27 10.28 17.83
C GLN A 117 20.71 8.96 17.28
N TRP A 118 19.68 9.08 16.45
CA TRP A 118 19.16 7.94 15.69
C TRP A 118 18.63 8.50 14.36
N SER A 119 19.47 8.44 13.33
CA SER A 119 19.21 9.09 12.07
C SER A 119 18.38 8.22 11.13
N ALA A 120 17.94 8.82 10.03
CA ALA A 120 17.35 8.05 8.94
C ALA A 120 18.25 6.88 8.54
N GLU A 121 19.56 7.11 8.48
CA GLU A 121 20.49 6.05 8.08
C GLU A 121 20.52 4.92 9.10
N ASP A 122 20.55 5.26 10.39
CA ASP A 122 20.44 4.24 11.44
C ASP A 122 19.15 3.44 11.29
N ILE A 123 18.02 4.14 11.10
CA ILE A 123 16.74 3.47 10.97
C ILE A 123 16.77 2.48 9.80
N ARG A 124 17.22 2.92 8.63
CA ARG A 124 17.21 2.04 7.47
CA ARG A 124 17.21 2.04 7.47
C ARG A 124 18.14 0.85 7.66
N ALA A 125 19.28 1.07 8.30
CA ALA A 125 20.22 -0.04 8.50
C ALA A 125 19.64 -1.10 9.41
N SER A 126 18.70 -0.74 10.29
CA SER A 126 18.13 -1.67 11.25
C SER A 126 16.99 -2.54 10.67
N GLN A 127 16.45 -2.20 9.50
CA GLN A 127 15.32 -2.94 8.97
C GLN A 127 15.70 -4.38 8.67
N VAL A 128 14.87 -5.32 9.13
CA VAL A 128 14.98 -6.73 8.73
C VAL A 128 13.61 -7.17 8.22
N GLN A 129 13.60 -8.18 7.35
CA GLN A 129 12.38 -8.62 6.69
C GLN A 129 12.41 -10.14 6.54
N PRO A 130 12.19 -10.86 7.63
CA PRO A 130 12.30 -12.34 7.56
C PRO A 130 11.26 -13.00 6.67
N HIS A 131 10.05 -12.45 6.57
CA HIS A 131 8.98 -13.05 5.76
C HIS A 131 8.21 -11.94 5.07
N PRO A 132 8.72 -11.41 3.96
CA PRO A 132 8.01 -10.33 3.26
C PRO A 132 6.61 -10.76 2.84
N LEU A 133 5.66 -9.83 2.99
CA LEU A 133 4.26 -10.13 2.67
C LEU A 133 4.10 -10.56 1.22
N ALA A 134 4.89 -9.99 0.30
CA ALA A 134 4.79 -10.40 -1.10
C ALA A 134 5.03 -11.90 -1.27
N THR A 135 5.77 -12.52 -0.35
CA THR A 135 6.10 -13.93 -0.47
C THR A 135 5.15 -14.85 0.29
N LEU A 136 4.15 -14.30 0.98
CA LEU A 136 3.30 -15.14 1.80
C LEU A 136 1.90 -15.24 1.22
N PRO A 137 1.28 -16.41 1.29
CA PRO A 137 -0.13 -16.51 0.88
C PRO A 137 -1.01 -15.68 1.80
N SER A 138 -2.22 -15.40 1.34
CA SER A 138 -3.12 -14.47 2.03
C SER A 138 -4.30 -15.19 2.67
N ARG A 139 -4.11 -16.43 3.07
CA ARG A 139 -5.12 -17.26 3.66
C ARG A 139 -4.76 -17.57 5.11
N PRO A 140 -5.70 -17.49 6.04
CA PRO A 140 -5.40 -17.97 7.40
C PRO A 140 -4.96 -19.42 7.37
N ARG A 141 -3.82 -19.70 8.01
CA ARG A 141 -3.30 -21.05 8.08
C ARG A 141 -4.00 -21.90 9.14
N PHE A 142 -4.92 -21.32 9.89
CA PHE A 142 -5.58 -21.96 11.01
C PHE A 142 -7.08 -21.97 10.76
N GLU A 143 -7.80 -22.69 11.62
CA GLU A 143 -9.25 -22.78 11.50
C GLU A 143 -9.98 -21.77 12.40
N ALA A 144 -9.29 -21.18 13.37
CA ALA A 144 -9.94 -20.22 14.25
C ALA A 144 -10.45 -19.01 13.48
N ASP A 145 -11.48 -18.39 14.03
CA ASP A 145 -12.04 -17.19 13.42
C ASP A 145 -11.03 -16.05 13.46
N PRO A 146 -10.56 -15.55 12.31
CA PRO A 146 -9.55 -14.47 12.35
C PRO A 146 -10.02 -13.23 13.09
N LEU A 147 -11.31 -12.94 13.07
CA LEU A 147 -11.83 -11.71 13.68
C LEU A 147 -12.11 -11.86 15.17
N ASN A 148 -11.94 -13.05 15.75
CA ASN A 148 -12.11 -13.21 17.18
C ASN A 148 -10.80 -13.60 17.88
N LEU A 149 -9.67 -13.50 17.17
CA LEU A 149 -8.37 -13.71 17.79
C LEU A 149 -8.07 -12.65 18.84
N PHE A 150 -7.42 -13.06 19.92
CA PHE A 150 -6.82 -12.13 20.86
C PHE A 150 -5.31 -12.11 20.69
N VAL A 151 -4.74 -10.92 20.67
CA VAL A 151 -3.31 -10.73 20.83
C VAL A 151 -3.06 -10.47 22.31
N VAL A 152 -2.30 -11.36 22.95
CA VAL A 152 -2.08 -11.29 24.40
C VAL A 152 -0.62 -10.98 24.65
N VAL A 153 -0.38 -9.89 25.38
CA VAL A 153 0.98 -9.45 25.71
C VAL A 153 1.38 -10.10 27.03
N GLU A 154 2.41 -10.95 26.99
CA GLU A 154 2.94 -11.61 28.19
C GLU A 154 4.18 -10.83 28.61
N SER A 155 3.98 -9.83 29.47
CA SER A 155 5.04 -8.87 29.75
C SER A 155 6.09 -9.41 30.70
N GLY A 156 5.78 -10.45 31.47
CA GLY A 156 6.74 -10.98 32.43
C GLY A 156 7.95 -11.62 31.77
N ASP A 157 7.73 -12.32 30.64
CA ASP A 157 8.83 -12.95 29.91
C ASP A 157 8.89 -12.47 28.47
N HIS A 158 8.20 -11.38 28.15
CA HIS A 158 8.29 -10.71 26.86
C HIS A 158 8.00 -11.70 25.72
N HIS A 159 6.81 -12.27 25.79
CA HIS A 159 6.24 -13.08 24.74
C HIS A 159 4.89 -12.50 24.36
N VAL A 160 4.38 -12.96 23.22
CA VAL A 160 3.04 -12.66 22.75
C VAL A 160 2.37 -13.99 22.42
N THR A 161 1.14 -14.17 22.89
CA THR A 161 0.32 -15.33 22.55
C THR A 161 -0.82 -14.88 21.66
N ILE A 162 -1.05 -15.63 20.58
CA ILE A 162 -2.20 -15.44 19.73
C ILE A 162 -3.25 -16.44 20.18
N LEU A 163 -4.42 -15.96 20.56
CA LEU A 163 -5.44 -16.78 21.19
C LEU A 163 -6.66 -16.93 20.28
N ASP A 164 -7.09 -18.17 20.08
CA ASP A 164 -8.41 -18.47 19.55
C ASP A 164 -9.48 -17.96 20.51
N GLY A 165 -10.28 -16.99 20.05
CA GLY A 165 -11.23 -16.32 20.93
C GLY A 165 -12.52 -17.09 21.20
N ASP A 166 -12.73 -18.21 20.53
CA ASP A 166 -13.87 -19.08 20.80
C ASP A 166 -13.49 -20.30 21.61
N ARG A 167 -12.29 -20.86 21.40
CA ARG A 167 -11.80 -21.94 22.22
C ARG A 167 -10.96 -21.45 23.40
N PHE A 168 -10.48 -20.21 23.35
CA PHE A 168 -9.61 -19.66 24.40
C PHE A 168 -8.39 -20.55 24.58
N GLU A 169 -7.80 -20.94 23.45
CA GLU A 169 -6.58 -21.73 23.40
C GLU A 169 -5.57 -21.03 22.50
N PRO A 170 -4.28 -21.18 22.80
CA PRO A 170 -3.27 -20.54 21.96
C PRO A 170 -3.13 -21.24 20.62
N ILE A 171 -3.00 -20.46 19.56
CA ILE A 171 -2.61 -20.98 18.26
C ILE A 171 -1.18 -20.62 17.90
N ALA A 172 -0.55 -19.73 18.66
CA ALA A 172 0.84 -19.37 18.44
C ALA A 172 1.35 -18.62 19.67
N ARG A 173 2.64 -18.75 19.92
CA ARG A 173 3.33 -17.97 20.95
C ARG A 173 4.71 -17.66 20.42
N PHE A 174 5.16 -16.41 20.58
CA PHE A 174 6.47 -16.03 20.07
C PHE A 174 7.10 -15.01 21.01
N PRO A 175 8.43 -15.01 21.12
CA PRO A 175 9.10 -13.98 21.93
C PRO A 175 9.08 -12.65 21.20
N SER A 176 8.82 -11.60 21.97
CA SER A 176 8.73 -10.26 21.41
C SER A 176 10.00 -9.48 21.69
N ARG A 177 10.07 -8.27 21.15
CA ARG A 177 11.06 -7.32 21.61
C ARG A 177 10.80 -6.98 23.07
N TYR A 178 11.85 -6.51 23.74
CA TYR A 178 11.79 -6.27 25.17
C TYR A 178 10.86 -5.10 25.49
N ALA A 179 9.99 -5.31 26.49
CA ALA A 179 9.15 -4.26 27.07
C ALA A 179 8.30 -3.56 25.99
N LEU A 180 7.33 -4.32 25.47
CA LEU A 180 6.40 -3.73 24.52
C LEU A 180 5.63 -2.59 25.16
N HIS A 181 5.38 -1.55 24.37
CA HIS A 181 4.79 -0.29 24.83
C HIS A 181 3.57 0.07 24.01
N GLY A 182 2.51 0.49 24.68
CA GLY A 182 1.43 1.19 24.02
C GLY A 182 0.32 0.31 23.48
N GLY A 183 0.45 -1.00 23.56
CA GLY A 183 -0.57 -1.88 23.04
C GLY A 183 -0.49 -1.98 21.52
N PRO A 184 -0.79 -3.15 20.98
CA PRO A 184 -0.64 -3.36 19.55
C PRO A 184 -1.71 -2.62 18.75
N LYS A 185 -1.37 -2.31 17.51
CA LYS A 185 -2.34 -1.77 16.55
C LYS A 185 -2.48 -2.73 15.38
N PHE A 186 -3.65 -2.66 14.74
CA PHE A 186 -4.01 -3.57 13.67
C PHE A 186 -4.16 -2.83 12.35
N SER A 187 -3.90 -3.55 11.27
CA SER A 187 -4.33 -3.11 9.97
C SER A 187 -5.87 -3.05 9.92
N PRO A 188 -6.43 -2.28 8.98
CA PRO A 188 -7.91 -2.13 8.93
C PRO A 188 -8.68 -3.43 8.80
N ASP A 189 -8.15 -4.42 8.08
CA ASP A 189 -8.81 -5.71 7.94
C ASP A 189 -8.45 -6.68 9.06
N GLY A 190 -7.59 -6.29 9.98
CA GLY A 190 -7.28 -7.11 11.12
C GLY A 190 -6.27 -8.21 10.88
N ARG A 191 -5.68 -8.28 9.69
CA ARG A 191 -4.74 -9.34 9.38
C ARG A 191 -3.37 -9.08 10.00
N LEU A 192 -2.93 -7.82 10.02
CA LEU A 192 -1.59 -7.46 10.48
C LEU A 192 -1.65 -6.76 11.83
N VAL A 193 -0.62 -6.99 12.65
CA VAL A 193 -0.54 -6.37 13.97
C VAL A 193 0.85 -5.76 14.13
N TYR A 194 0.88 -4.56 14.71
CA TYR A 194 2.07 -3.73 14.81
C TYR A 194 2.37 -3.50 16.29
N PHE A 195 3.59 -3.83 16.71
CA PHE A 195 4.05 -3.69 18.07
C PHE A 195 5.13 -2.60 18.14
N ALA A 196 5.14 -1.84 19.22
CA ALA A 196 6.23 -0.92 19.52
C ALA A 196 6.86 -1.33 20.84
N SER A 197 8.19 -1.25 20.91
CA SER A 197 8.89 -1.58 22.14
C SER A 197 9.49 -0.33 22.75
N ARG A 198 9.76 -0.43 24.05
CA ARG A 198 10.30 0.69 24.79
C ARG A 198 11.54 1.26 24.13
N ASP A 199 12.45 0.41 23.70
CA ASP A 199 13.75 0.85 23.19
C ASP A 199 13.74 1.10 21.69
N GLY A 200 12.55 1.21 21.08
CA GLY A 200 12.42 1.79 19.76
C GLY A 200 12.14 0.83 18.63
N TRP A 201 11.95 -0.46 18.92
CA TRP A 201 11.75 -1.45 17.88
C TRP A 201 10.28 -1.57 17.50
N VAL A 202 10.03 -1.63 16.20
CA VAL A 202 8.68 -1.83 15.68
C VAL A 202 8.65 -3.19 14.99
N THR A 203 7.63 -3.99 15.28
CA THR A 203 7.49 -5.34 14.75
C THR A 203 6.16 -5.45 14.00
N LEU A 204 6.22 -5.98 12.77
CA LEU A 204 5.03 -6.28 11.97
C LEU A 204 4.84 -7.79 11.96
N TYR A 205 3.65 -8.24 12.37
CA TYR A 205 3.32 -9.65 12.49
C TYR A 205 2.10 -9.96 11.65
N ASP A 206 2.18 -11.02 10.85
CA ASP A 206 1.10 -11.46 9.97
C ASP A 206 0.31 -12.54 10.69
N LEU A 207 -0.90 -12.19 11.14
CA LEU A 207 -1.71 -13.15 11.91
C LEU A 207 -2.12 -14.33 11.05
N TYR A 208 -2.35 -14.12 9.75
CA TYR A 208 -2.79 -15.23 8.91
C TYR A 208 -1.71 -16.30 8.77
N ASN A 209 -0.45 -15.89 8.64
CA ASN A 209 0.62 -16.86 8.48
C ASN A 209 1.42 -17.10 9.76
N LEU A 210 1.04 -16.42 10.85
CA LEU A 210 1.70 -16.56 12.14
C LEU A 210 3.22 -16.40 11.99
N LYS A 211 3.61 -15.28 11.37
CA LYS A 211 5.01 -15.01 11.09
C LYS A 211 5.33 -13.54 11.27
N VAL A 212 6.54 -13.27 11.79
CA VAL A 212 7.08 -11.93 11.76
C VAL A 212 7.40 -11.57 10.31
N VAL A 213 6.85 -10.44 9.86
CA VAL A 213 7.06 -9.96 8.49
C VAL A 213 8.31 -9.08 8.42
N ALA A 214 8.39 -8.11 9.31
CA ALA A 214 9.49 -7.15 9.29
C ALA A 214 9.66 -6.56 10.68
N GLU A 215 10.85 -5.99 10.92
CA GLU A 215 11.12 -5.20 12.10
C GLU A 215 12.05 -4.06 11.72
N VAL A 216 11.93 -2.96 12.45
CA VAL A 216 12.79 -1.80 12.23
C VAL A 216 12.92 -1.12 13.58
N ARG A 217 14.07 -0.47 13.79
CA ARG A 217 14.27 0.32 15.00
C ARG A 217 14.04 1.78 14.62
N ALA A 218 12.92 2.33 15.06
CA ALA A 218 12.52 3.67 14.70
C ALA A 218 13.11 4.75 15.61
N GLY A 219 13.51 4.40 16.82
CA GLY A 219 14.06 5.37 17.75
C GLY A 219 14.83 4.67 18.84
N LEU A 220 15.20 5.45 19.87
CA LEU A 220 15.92 4.91 21.02
C LEU A 220 15.05 4.76 22.25
N ASN A 221 14.02 5.60 22.39
CA ASN A 221 13.02 5.47 23.43
C ASN A 221 11.70 5.87 22.80
N THR A 222 10.78 4.92 22.69
CA THR A 222 9.56 5.07 21.92
C THR A 222 8.35 5.05 22.84
N ARG A 223 7.34 5.85 22.50
CA ARG A 223 6.12 5.95 23.29
C ARG A 223 5.01 5.04 22.76
N ASN A 224 4.59 5.23 21.52
CA ASN A 224 3.59 4.35 20.94
C ASN A 224 3.61 4.54 19.43
N LEU A 225 2.71 3.82 18.75
CA LEU A 225 2.57 3.99 17.31
C LEU A 225 1.10 3.95 16.96
N ALA A 226 0.81 4.34 15.72
CA ALA A 226 -0.54 4.40 15.19
C ALA A 226 -0.47 3.98 13.73
N VAL A 227 -1.55 3.37 13.27
CA VAL A 227 -1.68 2.90 11.88
C VAL A 227 -2.79 3.71 11.22
N SER A 228 -2.52 4.19 10.01
CA SER A 228 -3.52 4.99 9.31
C SER A 228 -4.71 4.12 8.96
N ASP A 229 -5.89 4.75 8.86
CA ASP A 229 -7.12 3.96 8.70
C ASP A 229 -7.24 3.36 7.30
N ASP A 230 -6.45 3.81 6.34
CA ASP A 230 -6.38 3.17 5.05
C ASP A 230 -5.30 2.09 4.99
N GLY A 231 -4.59 1.85 6.10
CA GLY A 231 -3.62 0.78 6.18
C GLY A 231 -2.27 1.06 5.57
N ARG A 232 -2.02 2.28 5.07
CA ARG A 232 -0.78 2.54 4.35
C ARG A 232 0.41 2.89 5.24
N TRP A 233 0.18 3.54 6.38
CA TRP A 233 1.22 4.20 7.14
C TRP A 233 1.26 3.78 8.59
N VAL A 234 2.47 3.63 9.12
CA VAL A 234 2.72 3.55 10.55
C VAL A 234 3.42 4.85 10.98
N LEU A 235 2.88 5.50 11.99
CA LEU A 235 3.51 6.69 12.58
C LEU A 235 3.96 6.36 13.99
N VAL A 236 5.24 6.54 14.26
CA VAL A 236 5.85 6.18 15.55
C VAL A 236 6.18 7.47 16.30
N GLY A 237 5.73 7.54 17.55
CA GLY A 237 6.00 8.68 18.41
C GLY A 237 7.11 8.39 19.38
N ASN A 238 8.22 9.13 19.25
CA ASN A 238 9.42 8.89 20.01
C ASN A 238 9.64 9.95 21.08
N TYR A 239 10.11 9.50 22.26
CA TYR A 239 10.70 10.38 23.24
C TYR A 239 12.13 10.76 22.84
N LEU A 240 12.92 9.76 22.39
CA LEU A 240 14.31 9.96 22.02
C LEU A 240 14.61 9.23 20.72
N PRO A 241 15.06 9.93 19.66
CA PRO A 241 15.05 11.40 19.53
C PRO A 241 13.64 11.96 19.68
N GLY A 242 13.51 13.28 19.81
CA GLY A 242 12.21 13.92 19.82
C GLY A 242 11.66 14.04 18.42
N ASN A 243 10.97 13.02 17.94
CA ASN A 243 10.54 13.04 16.54
C ASN A 243 9.38 12.09 16.34
N LEU A 244 8.80 12.19 15.14
CA LEU A 244 7.89 11.20 14.59
C LEU A 244 8.63 10.45 13.48
N VAL A 245 8.41 9.15 13.38
CA VAL A 245 8.98 8.35 12.31
C VAL A 245 7.84 7.72 11.53
N LEU A 246 7.78 8.03 10.24
CA LEU A 246 6.76 7.55 9.32
C LEU A 246 7.30 6.35 8.55
N LEU A 247 6.60 5.23 8.64
CA LEU A 247 6.99 3.98 8.01
C LEU A 247 5.90 3.53 7.04
N ASP A 248 6.31 2.79 6.01
CA ASP A 248 5.38 2.08 5.15
C ASP A 248 4.85 0.86 5.91
N ALA A 249 3.54 0.79 6.08
CA ALA A 249 2.92 -0.25 6.89
C ALA A 249 3.00 -1.65 6.29
N ARG A 250 3.46 -1.80 5.04
CA ARG A 250 3.57 -3.11 4.42
C ARG A 250 4.91 -3.79 4.68
N ASP A 251 5.97 -3.02 4.96
CA ASP A 251 7.29 -3.62 5.13
C ASP A 251 8.14 -2.91 6.19
N LEU A 252 7.59 -1.92 6.88
CA LEU A 252 8.26 -1.08 7.89
C LEU A 252 9.48 -0.36 7.33
N SER A 253 9.49 -0.09 6.03
CA SER A 253 10.55 0.72 5.43
C SER A 253 10.35 2.19 5.82
N LEU A 254 11.45 2.93 5.87
CA LEU A 254 11.39 4.32 6.31
C LEU A 254 10.85 5.21 5.18
N VAL A 255 9.84 6.01 5.51
CA VAL A 255 9.35 7.04 4.62
C VAL A 255 9.97 8.40 4.97
N GLN A 256 9.88 8.83 6.22
N GLN A 256 9.90 8.81 6.23
CA GLN A 256 10.42 10.15 6.57
CA GLN A 256 10.32 10.15 6.62
C GLN A 256 10.50 10.31 8.09
C GLN A 256 10.56 10.19 8.12
N VAL A 257 11.59 10.94 8.53
CA VAL A 257 11.79 11.32 9.93
C VAL A 257 11.30 12.74 10.08
N ILE A 258 10.34 12.96 10.97
CA ILE A 258 9.78 14.30 11.20
C ILE A 258 10.20 14.81 12.58
N PRO A 259 11.15 15.74 12.67
CA PRO A 259 11.54 16.25 14.00
C PRO A 259 10.36 16.94 14.68
N ALA A 260 10.19 16.69 15.97
CA ALA A 260 9.11 17.30 16.73
C ALA A 260 9.63 18.62 17.29
N ALA A 261 9.16 19.72 16.71
CA ALA A 261 9.56 21.05 17.15
C ALA A 261 8.39 21.99 16.90
N ASP A 262 8.21 22.96 17.80
CA ASP A 262 7.12 23.89 17.59
C ASP A 262 7.50 24.87 16.47
N ALA A 263 6.57 25.80 16.18
CA ALA A 263 6.78 26.74 15.09
C ALA A 263 7.95 27.67 15.37
N GLN A 264 8.31 27.85 16.64
N GLN A 264 8.31 27.87 16.63
CA GLN A 264 9.46 28.66 17.02
CA GLN A 264 9.47 28.68 16.99
C GLN A 264 10.75 27.86 17.06
C GLN A 264 10.77 27.88 16.99
N GLY A 265 10.72 26.59 16.66
CA GLY A 265 11.92 25.78 16.61
C GLY A 265 12.30 25.03 17.88
N GLN A 266 11.51 25.13 18.95
CA GLN A 266 11.85 24.46 20.20
C GLN A 266 11.57 22.96 20.12
N ALA A 267 12.58 22.15 20.45
CA ALA A 267 12.45 20.71 20.35
C ALA A 267 11.48 20.15 21.40
N SER A 268 10.84 19.04 21.06
CA SER A 268 9.90 18.41 21.98
C SER A 268 9.95 16.91 21.84
N ARG A 269 9.67 16.23 22.96
CA ARG A 269 9.31 14.81 22.93
C ARG A 269 7.88 14.66 22.40
N VAL A 270 7.62 13.54 21.76
CA VAL A 270 6.25 13.18 21.36
C VAL A 270 5.67 12.36 22.50
N SER A 271 4.51 12.80 23.02
CA SER A 271 3.88 12.05 24.10
C SER A 271 3.13 10.83 23.57
N ALA A 272 2.35 11.00 22.50
CA ALA A 272 1.58 9.89 21.94
C ALA A 272 1.08 10.27 20.56
N VAL A 273 0.90 9.24 19.70
CA VAL A 273 0.32 9.40 18.38
C VAL A 273 -1.00 8.63 18.35
N TYR A 274 -1.98 9.17 17.62
CA TYR A 274 -3.30 8.59 17.51
C TYR A 274 -3.78 8.69 16.07
N THR A 275 -4.70 7.78 15.70
CA THR A 275 -5.38 7.84 14.41
C THR A 275 -6.79 8.36 14.62
N ALA A 276 -7.22 9.24 13.71
CA ALA A 276 -8.58 9.80 13.71
C ALA A 276 -9.24 9.39 12.39
N PRO A 277 -9.91 8.24 12.35
CA PRO A 277 -10.29 7.65 11.06
C PRO A 277 -11.20 8.54 10.23
N PRO A 278 -12.23 9.17 10.82
CA PRO A 278 -13.10 10.03 9.99
C PRO A 278 -12.38 11.23 9.40
N ARG A 279 -11.32 11.69 10.02
CA ARG A 279 -10.51 12.79 9.51
C ARG A 279 -9.37 12.32 8.62
N HIS A 280 -9.19 11.00 8.47
CA HIS A 280 -8.06 10.43 7.74
C HIS A 280 -6.76 11.13 8.09
N SER A 281 -6.49 11.20 9.39
CA SER A 281 -5.34 11.95 9.89
C SER A 281 -4.76 11.25 11.10
N PHE A 282 -3.48 11.51 11.33
CA PHE A 282 -2.86 11.26 12.63
C PHE A 282 -2.96 12.52 13.48
N VAL A 283 -3.15 12.33 14.80
CA VAL A 283 -3.15 13.41 15.77
C VAL A 283 -2.01 13.12 16.75
N VAL A 284 -1.19 14.13 17.04
CA VAL A 284 0.04 13.97 17.80
C VAL A 284 0.01 14.86 19.02
N ALA A 285 0.26 14.28 20.19
CA ALA A 285 0.42 15.01 21.43
C ALA A 285 1.90 15.26 21.68
N LEU A 286 2.26 16.52 21.92
CA LEU A 286 3.64 16.93 22.14
C LEU A 286 3.88 17.26 23.61
N LYS A 287 4.96 16.70 24.16
CA LYS A 287 5.22 16.76 25.59
C LYS A 287 5.65 18.17 26.04
N ASP A 288 6.45 18.86 25.24
CA ASP A 288 7.26 19.97 25.75
C ASP A 288 7.02 21.31 25.07
N VAL A 289 6.03 21.40 24.18
CA VAL A 289 5.71 22.66 23.53
C VAL A 289 4.19 22.85 23.59
N HIS A 290 3.78 24.10 23.37
CA HIS A 290 2.36 24.45 23.38
C HIS A 290 1.71 24.28 22.03
N GLU A 291 1.89 23.10 21.43
CA GLU A 291 1.31 22.76 20.14
C GLU A 291 0.78 21.34 20.18
N LEU A 292 -0.27 21.09 19.43
CA LEU A 292 -0.64 19.74 19.04
C LEU A 292 -0.76 19.72 17.52
N TRP A 293 -0.54 18.55 16.95
CA TRP A 293 -0.41 18.40 15.51
C TRP A 293 -1.51 17.48 14.98
N GLU A 294 -2.04 17.81 13.81
CA GLU A 294 -2.78 16.87 12.98
C GLU A 294 -2.00 16.70 11.69
N LEU A 295 -1.81 15.45 11.27
CA LEU A 295 -1.11 15.13 10.03
C LEU A 295 -2.07 14.38 9.10
N PRO A 296 -2.72 15.06 8.17
CA PRO A 296 -3.64 14.36 7.27
C PRO A 296 -2.92 13.49 6.27
N TYR A 297 -3.55 12.35 5.93
CA TYR A 297 -2.97 11.43 4.96
C TYR A 297 -3.92 11.04 3.83
N ALA A 298 -5.10 11.67 3.73
CA ALA A 298 -5.99 11.35 2.59
C ALA A 298 -5.29 11.59 1.27
N ASN A 299 -4.45 12.62 1.18
CA ASN A 299 -3.79 12.96 -0.08
C ASN A 299 -2.39 12.41 -0.18
N GLY A 300 -1.97 11.56 0.74
CA GLY A 300 -0.68 10.90 0.62
C GLY A 300 0.10 10.93 1.92
N LYS A 301 1.39 10.56 1.81
CA LYS A 301 2.20 10.33 2.99
C LYS A 301 2.11 11.55 3.92
N PRO A 302 1.74 11.35 5.19
CA PRO A 302 1.49 12.50 6.07
C PRO A 302 2.78 13.06 6.64
N VAL A 303 3.40 13.99 5.93
CA VAL A 303 4.72 14.49 6.31
C VAL A 303 4.71 15.97 6.70
N ALA A 304 3.56 16.62 6.68
CA ALA A 304 3.47 18.05 7.01
C ALA A 304 2.39 18.29 8.07
N PRO A 305 2.76 18.69 9.29
CA PRO A 305 1.74 18.87 10.32
C PRO A 305 0.95 20.16 10.18
N LYS A 306 -0.34 20.06 10.48
CA LYS A 306 -1.17 21.23 10.77
C LYS A 306 -1.01 21.52 12.26
N ARG A 307 -0.49 22.70 12.60
CA ARG A 307 -0.15 23.04 13.98
C ARG A 307 -1.30 23.78 14.65
N LEU A 308 -1.69 23.30 15.83
CA LEU A 308 -2.75 23.93 16.62
C LEU A 308 -2.17 24.39 17.96
N ALA A 309 -2.20 25.70 18.19
CA ALA A 309 -1.72 26.24 19.46
C ALA A 309 -2.62 25.79 20.61
N VAL A 310 -2.01 25.43 21.73
CA VAL A 310 -2.74 25.14 22.96
C VAL A 310 -2.23 26.06 24.06
N ALA A 311 -3.12 26.41 24.98
CA ALA A 311 -2.76 27.34 26.05
C ALA A 311 -1.82 26.69 27.06
N ASP A 312 -2.02 25.41 27.35
CA ASP A 312 -1.15 24.67 28.25
C ASP A 312 -0.72 23.37 27.59
N TYR A 313 0.37 22.80 28.10
CA TYR A 313 0.79 21.48 27.63
C TYR A 313 -0.37 20.51 27.74
N LEU A 314 -0.57 19.74 26.69
CA LEU A 314 -1.74 18.90 26.55
C LEU A 314 -1.30 17.55 26.00
N ASP A 315 -1.56 16.49 26.76
CA ASP A 315 -1.35 15.13 26.26
C ASP A 315 -2.46 14.23 26.81
N ASP A 316 -2.28 12.93 26.64
CA ASP A 316 -3.29 11.94 27.02
C ASP A 316 -4.66 12.31 26.42
N PHE A 317 -4.69 12.34 25.09
CA PHE A 317 -5.90 12.69 24.36
C PHE A 317 -6.97 11.60 24.49
N SER A 318 -8.22 12.01 24.61
CA SER A 318 -9.37 11.19 24.24
C SER A 318 -10.16 11.91 23.16
N PHE A 319 -10.82 11.14 22.29
CA PHE A 319 -11.59 11.69 21.19
C PHE A 319 -13.08 11.43 21.41
N SER A 320 -13.89 12.45 21.12
CA SER A 320 -15.33 12.27 21.09
C SER A 320 -15.68 11.24 20.00
N PRO A 321 -16.86 10.61 20.10
CA PRO A 321 -17.18 9.57 19.12
C PRO A 321 -17.09 10.03 17.68
N ASP A 322 -17.44 11.28 17.37
CA ASP A 322 -17.37 11.80 16.01
C ASP A 322 -16.02 12.41 15.66
N TYR A 323 -15.05 12.34 16.58
CA TYR A 323 -13.70 12.88 16.39
C TYR A 323 -13.68 14.38 16.10
N ARG A 324 -14.78 15.09 16.36
CA ARG A 324 -14.75 16.53 16.25
C ARG A 324 -14.08 17.19 17.44
N TYR A 325 -14.14 16.57 18.61
CA TYR A 325 -13.56 17.14 19.81
C TYR A 325 -12.48 16.24 20.37
N LEU A 326 -11.48 16.89 20.96
CA LEU A 326 -10.36 16.23 21.61
C LEU A 326 -10.39 16.62 23.07
N LEU A 327 -10.37 15.62 23.94
CA LEU A 327 -10.35 15.84 25.38
C LEU A 327 -8.94 15.51 25.89
N GLY A 328 -8.27 16.51 26.45
CA GLY A 328 -6.92 16.34 26.93
C GLY A 328 -6.79 16.78 28.37
N SER A 329 -5.73 16.29 29.00
CA SER A 329 -5.35 16.72 30.34
C SER A 329 -4.24 17.76 30.22
N SER A 330 -4.44 18.90 30.88
CA SER A 330 -3.47 19.99 30.83
C SER A 330 -2.55 19.91 32.04
N ARG A 331 -1.33 20.43 31.86
CA ARG A 331 -0.35 20.40 32.94
C ARG A 331 -0.90 21.06 34.21
N GLN A 332 -1.72 22.09 34.07
CA GLN A 332 -2.35 22.74 35.21
C GLN A 332 -3.41 21.83 35.83
N GLY A 335 -6.62 19.71 34.88
CA GLY A 335 -7.93 19.12 34.63
C GLY A 335 -8.11 18.73 33.18
N GLY A 336 -9.37 18.70 32.74
CA GLY A 336 -9.70 18.32 31.38
C GLY A 336 -9.97 19.54 30.51
N GLU A 337 -9.47 19.49 29.28
CA GLU A 337 -9.63 20.57 28.31
C GLU A 337 -10.26 20.01 27.05
N VAL A 338 -11.37 20.60 26.64
CA VAL A 338 -12.07 20.20 25.41
C VAL A 338 -11.68 21.16 24.30
N ILE A 339 -11.02 20.64 23.28
CA ILE A 339 -10.60 21.41 22.11
C ILE A 339 -11.37 20.91 20.90
N GLU A 340 -11.77 21.82 20.03
CA GLU A 340 -12.31 21.46 18.72
C GLU A 340 -11.14 21.29 17.75
N LEU A 341 -11.17 20.20 16.97
CA LEU A 341 -10.00 19.83 16.18
C LEU A 341 -9.79 20.78 15.01
N ASP A 342 -10.84 21.05 14.23
CA ASP A 342 -10.74 21.95 13.09
C ASP A 342 -10.04 23.25 13.47
N SER A 343 -10.75 24.10 14.22
CA SER A 343 -10.25 25.41 14.58
C SER A 343 -9.22 25.40 15.69
N GLY A 344 -9.11 24.30 16.43
CA GLY A 344 -8.24 24.28 17.60
C GLY A 344 -8.75 25.09 18.78
N ALA A 345 -9.99 25.59 18.71
CA ALA A 345 -10.51 26.44 19.77
C ALA A 345 -10.83 25.65 21.02
N ARG A 346 -10.51 26.22 22.17
CA ARG A 346 -10.82 25.61 23.47
C ARG A 346 -12.28 25.92 23.80
N VAL A 347 -13.13 24.89 23.75
CA VAL A 347 -14.56 25.08 23.88
C VAL A 347 -15.07 24.85 25.30
N ALA A 348 -14.35 24.11 26.13
CA ALA A 348 -14.82 23.89 27.49
C ALA A 348 -13.70 23.32 28.34
N SER A 349 -13.75 23.65 29.62
CA SER A 349 -12.82 23.11 30.62
C SER A 349 -13.60 22.30 31.65
N ILE A 350 -13.05 21.17 32.04
CA ILE A 350 -13.65 20.29 33.02
C ILE A 350 -12.63 20.05 34.13
N PRO A 351 -12.78 20.75 35.28
CA PRO A 351 -11.91 20.45 36.43
C PRO A 351 -12.41 19.20 37.15
N LEU A 352 -11.51 18.25 37.36
CA LEU A 352 -11.85 16.97 37.98
C LEU A 352 -10.85 16.66 39.08
N SER A 353 -11.30 15.91 40.08
CA SER A 353 -10.45 15.54 41.20
C SER A 353 -9.21 14.81 40.71
N GLY A 354 -8.05 15.19 41.25
CA GLY A 354 -6.81 14.58 40.85
C GLY A 354 -6.56 14.77 39.36
N MET A 355 -5.64 13.96 38.84
CA MET A 355 -5.36 13.97 37.42
C MET A 355 -6.07 12.78 36.77
N PRO A 356 -7.17 12.98 36.06
CA PRO A 356 -7.87 11.85 35.45
C PRO A 356 -7.15 11.33 34.23
N HIS A 357 -7.24 10.01 34.04
CA HIS A 357 -6.58 9.32 32.93
C HIS A 357 -7.52 9.36 31.73
N LEU A 358 -7.59 10.53 31.09
CA LEU A 358 -8.57 10.75 30.03
C LEU A 358 -8.39 9.78 28.87
N GLY A 359 -7.14 9.39 28.59
CA GLY A 359 -6.89 8.51 27.46
C GLY A 359 -7.63 7.19 27.55
N SER A 360 -7.94 6.75 28.77
CA SER A 360 -8.62 5.47 28.99
C SER A 360 -10.13 5.61 29.17
N GLY A 361 -10.67 6.82 29.10
CA GLY A 361 -12.09 7.00 29.27
C GLY A 361 -12.88 6.46 28.09
N ILE A 362 -14.16 6.19 28.34
CA ILE A 362 -15.01 5.59 27.33
C ILE A 362 -16.35 6.33 27.29
N TYR A 363 -17.06 6.12 26.19
CA TYR A 363 -18.32 6.79 25.89
C TYR A 363 -19.41 5.75 25.74
N TRP A 364 -20.63 6.14 26.10
CA TRP A 364 -21.80 5.31 25.82
C TRP A 364 -23.04 6.19 25.93
N LYS A 365 -24.16 5.64 25.48
CA LYS A 365 -25.42 6.37 25.46
C LYS A 365 -26.21 6.05 26.72
N ARG A 366 -26.56 7.08 27.49
CA ARG A 366 -27.33 6.96 28.72
C ARG A 366 -28.52 7.89 28.62
N ASP A 367 -29.72 7.33 28.48
CA ASP A 367 -30.94 8.11 28.26
C ASP A 367 -30.86 8.87 26.94
N GLY A 368 -30.38 8.20 25.90
CA GLY A 368 -30.34 8.79 24.57
C GLY A 368 -29.45 10.00 24.45
N ARG A 369 -28.32 10.00 25.16
CA ARG A 369 -27.38 11.10 25.08
C ARG A 369 -25.99 10.61 25.48
N TRP A 370 -24.99 11.02 24.71
CA TRP A 370 -23.63 10.57 24.94
C TRP A 370 -23.17 10.97 26.34
N VAL A 371 -22.50 10.04 27.02
CA VAL A 371 -21.88 10.30 28.32
C VAL A 371 -20.44 9.75 28.25
N PHE A 372 -19.56 10.33 29.06
CA PHE A 372 -18.15 9.98 29.08
C PHE A 372 -17.72 9.71 30.51
N ALA A 373 -16.94 8.63 30.68
CA ALA A 373 -16.47 8.23 32.00
C ALA A 373 -14.96 8.00 31.95
N THR A 374 -14.26 8.41 33.00
CA THR A 374 -12.82 8.30 33.04
C THR A 374 -12.32 7.84 34.40
N PRO A 375 -11.35 6.91 34.43
CA PRO A 375 -10.69 6.58 35.70
C PRO A 375 -9.75 7.69 36.13
N ASN A 376 -8.99 7.49 37.21
CA ASN A 376 -8.18 8.56 37.79
C ASN A 376 -6.87 8.01 38.33
N ILE A 377 -5.79 8.75 38.09
CA ILE A 377 -4.45 8.26 38.39
C ILE A 377 -4.09 8.43 39.87
N SER A 378 -4.52 9.53 40.49
CA SER A 378 -4.12 9.83 41.87
C SER A 378 -5.23 9.68 42.89
N ARG A 379 -6.49 9.82 42.49
CA ARG A 379 -7.64 9.67 43.37
C ARG A 379 -8.43 8.42 42.98
N GLY A 380 -9.26 7.97 43.91
CA GLY A 380 -10.08 6.80 43.68
C GLY A 380 -11.51 7.14 43.32
N VAL A 381 -11.75 7.53 42.07
CA VAL A 381 -13.07 7.97 41.64
C VAL A 381 -13.20 7.76 40.14
N ILE A 382 -14.40 7.43 39.69
CA ILE A 382 -14.74 7.35 38.28
C ILE A 382 -15.63 8.55 37.97
N SER A 383 -15.11 9.49 37.19
CA SER A 383 -15.84 10.71 36.85
C SER A 383 -16.64 10.49 35.57
N VAL A 384 -17.93 10.81 35.62
CA VAL A 384 -18.83 10.68 34.48
C VAL A 384 -19.24 12.07 34.03
N ILE A 385 -19.00 12.38 32.76
CA ILE A 385 -19.30 13.69 32.20
C ILE A 385 -20.41 13.55 31.16
N ASP A 386 -21.24 14.58 31.05
CA ASP A 386 -22.23 14.65 29.98
C ASP A 386 -21.62 15.34 28.76
N LEU A 387 -21.73 14.68 27.61
CA LEU A 387 -21.11 15.23 26.40
C LEU A 387 -21.83 16.47 25.89
N GLN A 388 -23.16 16.46 25.91
CA GLN A 388 -23.93 17.55 25.32
C GLN A 388 -23.44 18.91 25.80
N ASN A 389 -23.24 19.06 27.11
CA ASN A 389 -22.83 20.32 27.69
C ASN A 389 -21.45 20.27 28.35
N TRP A 390 -20.77 19.13 28.30
CA TRP A 390 -19.49 18.95 29.00
C TRP A 390 -19.63 19.23 30.49
N LYS A 391 -20.82 18.99 31.04
CA LYS A 391 -21.07 19.18 32.46
C LYS A 391 -20.95 17.85 33.18
N PRO A 392 -20.20 17.78 34.29
CA PRO A 392 -20.11 16.51 35.03
C PRO A 392 -21.49 16.02 35.47
N LEU A 393 -21.70 14.71 35.34
CA LEU A 393 -22.95 14.08 35.72
C LEU A 393 -22.89 13.42 37.09
N LYS A 394 -21.89 12.57 37.33
CA LYS A 394 -21.76 11.89 38.60
C LYS A 394 -20.31 11.51 38.82
N GLU A 395 -19.90 11.50 40.09
CA GLU A 395 -18.57 11.08 40.50
C GLU A 395 -18.72 9.80 41.31
N ILE A 396 -18.46 8.65 40.67
CA ILE A 396 -18.56 7.36 41.33
C ILE A 396 -17.29 7.15 42.16
N VAL A 397 -17.44 7.07 43.48
CA VAL A 397 -16.29 6.85 44.35
C VAL A 397 -15.94 5.37 44.34
N THR A 398 -14.63 5.08 44.31
CA THR A 398 -14.13 3.71 44.30
C THR A 398 -13.06 3.57 45.39
N ASP A 399 -12.50 2.37 45.48
CA ASP A 399 -11.52 2.09 46.53
C ASP A 399 -10.21 2.85 46.30
N GLY A 400 -9.76 2.91 45.05
CA GLY A 400 -8.52 3.58 44.74
C GLY A 400 -8.40 3.96 43.29
N PRO A 401 -7.33 4.68 42.95
CA PRO A 401 -7.14 5.10 41.55
C PRO A 401 -7.01 3.90 40.63
N GLY A 402 -7.64 3.99 39.47
CA GLY A 402 -7.59 2.96 38.45
C GLY A 402 -6.89 3.45 37.19
N PHE A 403 -6.81 2.56 36.21
CA PHE A 403 -6.07 2.87 35.00
C PHE A 403 -6.80 2.48 33.72
N PHE A 404 -7.60 1.41 33.75
CA PHE A 404 -8.22 0.86 32.57
C PHE A 404 -9.75 1.00 32.62
N MET A 405 -10.35 1.07 31.44
CA MET A 405 -11.80 1.14 31.29
C MET A 405 -12.18 0.56 29.95
N ARG A 406 -13.21 -0.28 29.94
CA ARG A 406 -13.64 -0.96 28.72
C ARG A 406 -15.10 -1.32 28.85
N SER A 407 -15.76 -1.46 27.70
CA SER A 407 -17.13 -1.93 27.65
C SER A 407 -17.38 -2.54 26.28
N HIS A 408 -18.65 -2.83 26.00
CA HIS A 408 -19.07 -3.46 24.74
C HIS A 408 -20.54 -3.12 24.53
N ALA A 409 -20.93 -3.01 23.26
CA ALA A 409 -22.32 -2.72 22.93
C ALA A 409 -23.26 -3.73 23.58
N ASP A 410 -22.82 -4.98 23.70
CA ASP A 410 -23.62 -6.05 24.27
C ASP A 410 -23.54 -6.11 25.79
N SER A 411 -22.72 -5.29 26.43
CA SER A 411 -22.62 -5.33 27.89
C SER A 411 -23.35 -4.15 28.52
N PRO A 412 -24.05 -4.35 29.64
CA PRO A 412 -24.68 -3.22 30.34
C PRO A 412 -23.79 -2.53 31.36
N TYR A 413 -22.51 -2.90 31.46
CA TYR A 413 -21.62 -2.32 32.46
C TYR A 413 -20.38 -1.76 31.78
N ALA A 414 -19.77 -0.78 32.45
CA ALA A 414 -18.41 -0.34 32.15
C ALA A 414 -17.47 -1.00 33.15
N TRP A 415 -16.43 -1.65 32.64
CA TRP A 415 -15.54 -2.47 33.45
C TRP A 415 -14.26 -1.68 33.72
N THR A 416 -13.95 -1.45 35.01
CA THR A 416 -12.76 -0.70 35.38
C THR A 416 -12.13 -1.35 36.60
N ASP A 417 -11.20 -0.65 37.25
CA ASP A 417 -10.34 -1.27 38.25
C ASP A 417 -9.86 -0.20 39.25
N THR A 418 -9.09 -0.66 40.24
CA THR A 418 -8.29 0.21 41.10
C THR A 418 -6.83 -0.24 40.99
N PHE A 419 -6.40 -0.45 39.74
CA PHE A 419 -5.09 -0.98 39.40
C PHE A 419 -3.95 -0.30 40.14
N LEU A 420 -4.10 0.99 40.44
CA LEU A 420 -3.02 1.79 41.02
C LEU A 420 -3.18 2.00 42.53
N GLY A 421 -4.21 1.44 43.15
CA GLY A 421 -4.45 1.64 44.56
C GLY A 421 -3.74 0.62 45.43
N LYS A 422 -3.77 0.88 46.75
CA LYS A 422 -3.25 -0.10 47.70
C LYS A 422 -4.08 -1.37 47.65
N LYS A 423 -5.38 -1.24 47.45
CA LYS A 423 -6.29 -2.36 47.20
C LYS A 423 -6.51 -2.43 45.70
N HIS A 424 -6.21 -3.58 45.10
CA HIS A 424 -6.11 -3.63 43.65
C HIS A 424 -6.30 -5.02 43.04
N ASP A 425 -7.25 -5.80 43.58
CA ASP A 425 -7.51 -7.14 43.07
C ASP A 425 -8.95 -7.29 42.57
N GLU A 426 -9.65 -6.18 42.34
CA GLU A 426 -11.06 -6.19 42.03
C GLU A 426 -11.32 -5.41 40.76
N ILE A 427 -12.12 -6.00 39.86
CA ILE A 427 -12.62 -5.33 38.67
C ILE A 427 -14.05 -4.90 38.96
N LEU A 428 -14.36 -3.63 38.71
CA LEU A 428 -15.66 -3.06 39.04
C LEU A 428 -16.51 -2.99 37.78
N LEU A 429 -17.77 -3.40 37.92
CA LEU A 429 -18.74 -3.33 36.83
C LEU A 429 -19.73 -2.22 37.16
N ILE A 430 -19.58 -1.08 36.48
CA ILE A 430 -20.43 0.09 36.70
C ILE A 430 -21.60 0.01 35.74
N ASP A 431 -22.81 -0.10 36.28
CA ASP A 431 -24.01 -0.13 35.46
C ASP A 431 -24.11 1.13 34.62
N LYS A 432 -24.26 0.96 33.31
CA LYS A 432 -24.24 2.10 32.39
C LYS A 432 -25.39 3.06 32.64
N GLN A 433 -26.48 2.59 33.26
CA GLN A 433 -27.66 3.41 33.49
C GLN A 433 -27.69 3.99 34.90
N THR A 434 -27.57 3.15 35.93
CA THR A 434 -27.63 3.64 37.30
C THR A 434 -26.36 4.40 37.68
N LEU A 435 -25.24 4.10 37.02
CA LEU A 435 -23.95 4.73 37.32
C LEU A 435 -23.48 4.38 38.73
N GLU A 436 -23.66 3.12 39.12
CA GLU A 436 -23.18 2.61 40.39
C GLU A 436 -22.49 1.28 40.16
N ILE A 437 -21.58 0.93 41.07
CA ILE A 437 -20.89 -0.35 41.02
C ILE A 437 -21.90 -1.46 41.27
N ALA A 438 -22.36 -2.10 40.20
CA ALA A 438 -23.37 -3.13 40.32
C ALA A 438 -22.79 -4.49 40.66
N HIS A 439 -21.55 -4.76 40.26
CA HIS A 439 -20.93 -6.06 40.50
C HIS A 439 -19.43 -5.86 40.68
N ARG A 440 -18.79 -6.87 41.27
CA ARG A 440 -17.34 -6.86 41.47
C ARG A 440 -16.78 -8.24 41.14
N LEU A 441 -15.58 -8.26 40.56
CA LEU A 441 -14.91 -9.50 40.17
C LEU A 441 -13.51 -9.51 40.76
N ARG A 442 -13.16 -10.61 41.43
CA ARG A 442 -11.88 -10.74 42.15
C ARG A 442 -11.20 -12.03 41.74
N PRO A 443 -10.59 -12.05 40.54
CA PRO A 443 -10.09 -13.33 40.01
C PRO A 443 -9.03 -13.98 40.87
N SER A 444 -8.08 -13.20 41.41
CA SER A 444 -7.00 -13.72 42.23
C SER A 444 -6.88 -12.84 43.46
N PRO A 445 -7.60 -13.16 44.55
CA PRO A 445 -7.55 -12.32 45.75
C PRO A 445 -6.12 -12.02 46.19
N GLY A 446 -5.79 -10.74 46.30
CA GLY A 446 -4.49 -10.31 46.76
C GLY A 446 -3.54 -9.86 45.66
N LYS A 447 -3.83 -10.20 44.41
CA LYS A 447 -2.94 -9.89 43.30
C LYS A 447 -3.55 -8.79 42.44
N VAL A 448 -2.66 -8.11 41.70
CA VAL A 448 -3.11 -6.97 40.91
C VAL A 448 -3.95 -7.48 39.76
N ALA A 449 -5.20 -7.00 39.69
CA ALA A 449 -6.12 -7.32 38.61
C ALA A 449 -6.38 -6.06 37.81
N GLY A 450 -6.31 -6.17 36.48
CA GLY A 450 -6.53 -5.01 35.65
C GLY A 450 -6.60 -5.30 34.18
N HIS A 451 -7.37 -4.49 33.46
CA HIS A 451 -7.53 -4.52 32.01
C HIS A 451 -8.51 -5.60 31.56
N VAL A 452 -9.49 -5.19 30.76
CA VAL A 452 -10.57 -6.05 30.31
C VAL A 452 -10.71 -5.91 28.80
N GLU A 453 -10.81 -7.04 28.11
CA GLU A 453 -11.15 -7.08 26.69
C GLU A 453 -12.23 -8.14 26.49
N PHE A 454 -13.11 -7.90 25.51
CA PHE A 454 -14.21 -8.81 25.22
C PHE A 454 -13.96 -9.58 23.93
N THR A 455 -14.67 -10.71 23.80
CA THR A 455 -14.83 -11.36 22.51
C THR A 455 -15.57 -10.44 21.56
N ARG A 456 -15.50 -10.75 20.26
CA ARG A 456 -16.06 -9.85 19.26
C ARG A 456 -17.57 -9.64 19.48
N ASP A 457 -18.27 -10.68 19.95
CA ASP A 457 -19.70 -10.58 20.22
C ASP A 457 -20.02 -10.20 21.66
N GLY A 458 -19.01 -9.94 22.49
CA GLY A 458 -19.24 -9.48 23.85
C GLY A 458 -19.70 -10.54 24.83
N ARG A 459 -19.75 -11.81 24.41
CA ARG A 459 -20.23 -12.86 25.31
C ARG A 459 -19.26 -13.18 26.44
N TYR A 460 -17.96 -12.91 26.26
CA TYR A 460 -16.97 -13.21 27.28
C TYR A 460 -16.04 -12.02 27.48
N ALA A 461 -15.55 -11.88 28.72
CA ALA A 461 -14.61 -10.84 29.09
C ALA A 461 -13.33 -11.48 29.60
N LEU A 462 -12.20 -10.93 29.19
CA LEU A 462 -10.89 -11.50 29.52
C LEU A 462 -10.13 -10.52 30.42
N LEU A 463 -9.89 -10.93 31.66
CA LEU A 463 -9.23 -10.13 32.68
C LEU A 463 -7.81 -10.61 32.90
N SER A 464 -6.91 -9.66 33.23
CA SER A 464 -5.50 -9.96 33.46
C SER A 464 -5.16 -9.86 34.93
N VAL A 465 -4.54 -10.91 35.48
CA VAL A 465 -3.91 -10.87 36.79
C VAL A 465 -2.43 -10.58 36.55
N TRP A 466 -1.99 -9.36 36.88
CA TRP A 466 -0.66 -8.87 36.54
C TRP A 466 0.33 -9.34 37.60
N ASP A 467 0.69 -10.62 37.53
CA ASP A 467 1.55 -11.21 38.55
C ASP A 467 2.46 -12.24 37.91
N ARG A 468 3.64 -12.43 38.50
CA ARG A 468 4.52 -13.50 38.04
C ARG A 468 3.77 -14.82 38.01
N ASP A 469 2.96 -15.06 39.04
CA ASP A 469 2.00 -16.16 39.05
C ASP A 469 0.61 -15.65 38.64
N GLY A 470 0.57 -15.07 37.44
CA GLY A 470 -0.63 -14.42 36.95
C GLY A 470 -1.44 -15.32 36.04
N ALA A 471 -2.46 -14.72 35.42
CA ALA A 471 -3.42 -15.50 34.64
C ALA A 471 -4.26 -14.60 33.75
N LEU A 472 -4.67 -15.17 32.62
CA LEU A 472 -5.76 -14.65 31.80
C LEU A 472 -7.03 -15.38 32.23
N VAL A 473 -7.98 -14.65 32.82
CA VAL A 473 -9.20 -15.25 33.37
C VAL A 473 -10.37 -14.89 32.48
N VAL A 474 -11.06 -15.91 31.98
CA VAL A 474 -12.19 -15.75 31.07
C VAL A 474 -13.48 -15.78 31.89
N TYR A 475 -14.35 -14.80 31.66
CA TYR A 475 -15.62 -14.68 32.35
C TYR A 475 -16.75 -14.63 31.35
N ASP A 476 -17.86 -15.30 31.68
CA ASP A 476 -19.12 -15.07 30.96
C ASP A 476 -19.61 -13.67 31.26
N ALA A 477 -19.73 -12.83 30.23
CA ALA A 477 -19.97 -11.41 30.43
C ALA A 477 -21.36 -11.11 30.98
N HIS A 478 -22.32 -12.04 30.85
CA HIS A 478 -23.66 -11.84 31.36
C HIS A 478 -23.90 -12.55 32.69
N SER A 479 -23.59 -13.85 32.75
CA SER A 479 -23.67 -14.56 34.02
C SER A 479 -22.62 -14.07 35.02
N LEU A 480 -21.46 -13.62 34.50
CA LEU A 480 -20.36 -13.09 35.30
C LEU A 480 -19.58 -14.16 36.04
N GLU A 481 -19.65 -15.41 35.61
CA GLU A 481 -18.95 -16.51 36.26
C GLU A 481 -17.67 -16.83 35.51
N GLU A 482 -16.64 -17.25 36.25
CA GLU A 482 -15.39 -17.64 35.61
C GLU A 482 -15.60 -18.92 34.83
N VAL A 483 -15.17 -18.90 33.56
CA VAL A 483 -15.31 -20.04 32.67
C VAL A 483 -13.98 -20.74 32.39
N LYS A 484 -12.87 -20.02 32.40
CA LYS A 484 -11.57 -20.59 32.06
C LYS A 484 -10.46 -19.68 32.59
N ARG A 485 -9.31 -20.28 32.87
CA ARG A 485 -8.16 -19.57 33.41
C ARG A 485 -6.90 -20.09 32.74
N LEU A 486 -6.08 -19.18 32.20
CA LEU A 486 -4.83 -19.55 31.55
C LEU A 486 -3.65 -18.97 32.32
N PRO A 487 -2.78 -19.80 32.89
CA PRO A 487 -1.64 -19.27 33.64
C PRO A 487 -0.64 -18.55 32.74
N MET A 488 -0.12 -17.41 33.23
CA MET A 488 0.81 -16.60 32.46
C MET A 488 1.67 -15.76 33.40
N ASN A 489 2.85 -15.37 32.91
CA ASN A 489 3.79 -14.56 33.66
C ASN A 489 3.51 -13.09 33.35
N LYS A 490 2.74 -12.45 34.23
CA LYS A 490 2.46 -11.02 34.13
C LYS A 490 1.83 -10.67 32.79
N PRO A 491 0.70 -11.26 32.45
CA PRO A 491 -0.05 -10.80 31.28
C PRO A 491 -0.51 -9.36 31.51
N SER A 492 -0.45 -8.54 30.45
CA SER A 492 -0.86 -7.16 30.55
C SER A 492 -2.11 -6.98 29.69
N GLY A 493 -2.00 -6.37 28.53
CA GLY A 493 -3.17 -6.18 27.68
C GLY A 493 -3.44 -7.39 26.81
N LYS A 494 -4.72 -7.58 26.46
CA LYS A 494 -5.13 -8.47 25.39
C LYS A 494 -6.10 -7.71 24.50
N TYR A 495 -6.05 -8.03 23.21
CA TYR A 495 -6.64 -7.18 22.18
C TYR A 495 -7.36 -8.06 21.17
N ASN A 496 -8.68 -7.89 21.11
CA ASN A 496 -9.55 -8.67 20.24
C ASN A 496 -9.60 -8.02 18.87
N VAL A 497 -9.17 -8.76 17.83
CA VAL A 497 -9.17 -8.23 16.48
C VAL A 497 -10.51 -7.56 16.15
N GLY A 498 -11.60 -8.32 16.30
CA GLY A 498 -12.90 -7.84 15.90
C GLY A 498 -13.26 -6.52 16.56
N ASN A 499 -13.03 -6.41 17.87
CA ASN A 499 -13.39 -5.18 18.56
C ASN A 499 -12.44 -4.05 18.23
N LYS A 500 -11.18 -4.34 17.96
CA LYS A 500 -10.22 -3.26 17.68
C LYS A 500 -10.43 -2.65 16.30
N ILE A 501 -10.88 -3.43 15.32
CA ILE A 501 -11.08 -2.92 13.96
C ILE A 501 -12.54 -2.53 13.70
N GLY A 502 -13.44 -2.80 14.62
CA GLY A 502 -14.86 -2.51 14.42
C GLY A 502 -15.23 -1.09 14.82
N ALA B 37 13.77 28.73 -38.01
CA ALA B 37 12.89 28.45 -39.14
C ALA B 37 11.57 29.21 -38.97
N PRO B 38 10.79 29.32 -40.05
CA PRO B 38 9.49 29.99 -39.94
C PRO B 38 8.50 29.24 -39.07
N GLY B 39 8.64 27.91 -38.97
CA GLY B 39 7.65 27.13 -38.26
C GLY B 39 7.56 27.49 -36.78
N GLU B 40 8.72 27.67 -36.14
CA GLU B 40 8.75 27.96 -34.71
C GLU B 40 7.87 29.15 -34.36
N ALA B 41 8.03 30.26 -35.10
CA ALA B 41 7.27 31.46 -34.78
C ALA B 41 5.79 31.30 -35.09
N LEU B 42 5.47 30.53 -36.14
CA LEU B 42 4.06 30.21 -36.41
C LEU B 42 3.46 29.35 -35.30
N TYR B 43 4.23 28.40 -34.78
CA TYR B 43 3.77 27.59 -33.65
C TYR B 43 3.35 28.49 -32.49
N ARG B 44 4.25 29.38 -32.06
CA ARG B 44 3.93 30.29 -30.95
C ARG B 44 2.64 31.04 -31.22
N GLN B 45 2.44 31.50 -32.46
CA GLN B 45 1.31 32.37 -32.76
C GLN B 45 -0.01 31.61 -32.84
N HIS B 46 -0.01 30.40 -33.41
CA HIS B 46 -1.27 29.71 -33.70
C HIS B 46 -1.50 28.44 -32.90
N CYS B 47 -0.47 27.86 -32.29
CA CYS B 47 -0.59 26.49 -31.80
C CYS B 47 -0.19 26.33 -30.34
N GLN B 48 0.78 27.12 -29.87
CA GLN B 48 1.31 26.95 -28.53
C GLN B 48 0.21 27.05 -27.49
N ALA B 49 -0.86 27.79 -27.78
CA ALA B 49 -1.93 27.99 -26.80
C ALA B 49 -2.49 26.66 -26.31
N CYS B 50 -2.53 25.64 -27.17
CA CYS B 50 -3.07 24.34 -26.80
C CYS B 50 -2.03 23.23 -26.76
N HIS B 51 -0.97 23.32 -27.56
CA HIS B 51 0.02 22.26 -27.64
C HIS B 51 1.27 22.54 -26.81
N GLY B 52 1.38 23.74 -26.22
CA GLY B 52 2.34 23.98 -25.17
C GLY B 52 3.69 24.46 -25.67
N ALA B 53 4.44 25.08 -24.75
CA ALA B 53 5.79 25.52 -25.03
C ALA B 53 6.66 24.33 -25.38
N GLY B 54 7.46 24.46 -26.42
CA GLY B 54 8.31 23.38 -26.87
C GLY B 54 7.55 22.15 -27.33
N ARG B 55 6.26 22.27 -27.60
CA ARG B 55 5.44 21.17 -28.13
C ARG B 55 5.18 20.08 -27.09
N LEU B 56 5.41 20.37 -25.81
CA LEU B 56 5.32 19.34 -24.78
C LEU B 56 3.89 18.93 -24.47
N GLY B 57 2.90 19.69 -24.91
CA GLY B 57 1.52 19.34 -24.71
C GLY B 57 0.80 20.34 -23.84
N GLY B 58 -0.52 20.37 -23.97
CA GLY B 58 -1.34 21.22 -23.13
C GLY B 58 -2.75 20.69 -23.12
N SER B 59 -3.72 21.52 -23.50
CA SER B 59 -5.07 21.01 -23.73
C SER B 59 -5.11 20.13 -24.96
N GLY B 60 -4.19 20.35 -25.91
CA GLY B 60 -3.99 19.45 -27.02
C GLY B 60 -2.75 18.59 -26.82
N PRO B 61 -2.59 17.58 -27.65
CA PRO B 61 -1.52 16.60 -27.42
C PRO B 61 -0.13 17.15 -27.65
N THR B 62 0.84 16.37 -27.16
CA THR B 62 2.25 16.60 -27.43
C THR B 62 2.53 16.41 -28.91
N LEU B 63 3.37 17.29 -29.47
CA LEU B 63 3.69 17.28 -30.90
C LEU B 63 5.19 17.21 -31.13
N LEU B 64 5.87 16.37 -30.37
CA LEU B 64 7.26 16.06 -30.64
C LEU B 64 7.36 14.98 -31.71
N PRO B 65 8.52 14.82 -32.33
CA PRO B 65 8.65 13.79 -33.38
C PRO B 65 8.27 12.42 -32.91
N GLU B 66 8.61 12.05 -31.67
N GLU B 66 8.67 12.07 -31.68
CA GLU B 66 8.23 10.72 -31.21
CA GLU B 66 8.28 10.79 -31.08
C GLU B 66 6.74 10.61 -30.90
C GLU B 66 6.77 10.67 -31.00
N SER B 67 6.10 11.72 -30.52
CA SER B 67 4.66 11.71 -30.36
C SER B 67 3.96 11.38 -31.67
N LEU B 68 4.52 11.86 -32.77
CA LEU B 68 3.93 11.76 -34.09
C LEU B 68 4.48 10.59 -34.89
N SER B 69 5.07 9.59 -34.21
CA SER B 69 5.74 8.51 -34.93
C SER B 69 4.78 7.67 -35.78
N ARG B 70 3.49 7.67 -35.44
CA ARG B 70 2.49 6.93 -36.19
C ARG B 70 1.63 7.84 -37.06
N LEU B 71 2.04 9.10 -37.24
CA LEU B 71 1.33 10.07 -38.07
C LEU B 71 2.27 10.52 -39.17
N LYS B 72 1.97 10.15 -40.41
CA LYS B 72 2.80 10.60 -41.52
C LYS B 72 2.72 12.12 -41.62
N PRO B 73 3.81 12.78 -42.01
CA PRO B 73 3.75 14.25 -42.13
C PRO B 73 2.68 14.74 -43.08
N ALA B 74 2.36 13.97 -44.14
CA ALA B 74 1.27 14.37 -45.02
C ALA B 74 -0.07 14.38 -44.28
N GLN B 75 -0.25 13.43 -43.34
CA GLN B 75 -1.48 13.40 -42.57
C GLN B 75 -1.53 14.54 -41.55
N ALA B 76 -0.39 14.86 -40.92
CA ALA B 76 -0.35 16.02 -40.05
C ALA B 76 -0.73 17.29 -40.80
N ARG B 77 -0.28 17.40 -42.05
CA ARG B 77 -0.61 18.58 -42.85
C ARG B 77 -2.11 18.72 -43.07
N GLU B 78 -2.80 17.60 -43.33
CA GLU B 78 -4.24 17.64 -43.54
C GLU B 78 -4.97 17.97 -42.24
N VAL B 79 -4.48 17.45 -41.11
CA VAL B 79 -5.05 17.83 -39.81
C VAL B 79 -4.89 19.33 -39.59
N ILE B 80 -3.71 19.87 -39.88
CA ILE B 80 -3.47 21.29 -39.64
C ILE B 80 -4.41 22.13 -40.49
N LEU B 81 -4.62 21.73 -41.74
CA LEU B 81 -5.43 22.51 -42.67
C LEU B 81 -6.93 22.33 -42.42
N HIS B 82 -7.37 21.11 -42.10
CA HIS B 82 -8.78 20.80 -42.04
C HIS B 82 -9.28 20.41 -40.66
N GLY B 83 -8.39 20.08 -39.72
CA GLY B 83 -8.80 19.76 -38.38
C GLY B 83 -9.22 18.31 -38.23
N ARG B 84 -9.56 17.96 -36.99
CA ARG B 84 -10.18 16.67 -36.71
C ARG B 84 -11.64 16.91 -36.37
N PRO B 85 -12.57 16.31 -37.10
CA PRO B 85 -13.99 16.63 -36.88
C PRO B 85 -14.43 16.25 -35.47
N ALA B 86 -15.28 17.10 -34.90
CA ALA B 86 -15.84 16.89 -33.58
C ALA B 86 -14.78 16.93 -32.48
N THR B 87 -13.68 17.63 -32.72
CA THR B 87 -12.65 17.84 -31.70
C THR B 87 -12.38 19.33 -31.58
N GLN B 88 -11.54 19.69 -30.61
CA GLN B 88 -11.09 21.06 -30.47
C GLN B 88 -10.00 21.43 -31.47
N MET B 89 -9.50 20.48 -32.27
CA MET B 89 -8.50 20.78 -33.30
C MET B 89 -9.22 21.26 -34.55
N ALA B 90 -9.36 22.58 -34.67
CA ALA B 90 -9.95 23.16 -35.86
C ALA B 90 -8.91 23.22 -36.98
N GLY B 91 -9.41 23.43 -38.19
CA GLY B 91 -8.53 23.63 -39.33
C GLY B 91 -8.05 25.07 -39.43
N PHE B 92 -6.88 25.23 -40.07
CA PHE B 92 -6.27 26.54 -40.23
C PHE B 92 -6.10 26.91 -41.69
N ALA B 93 -6.74 26.19 -42.61
CA ALA B 93 -6.57 26.46 -44.03
C ALA B 93 -6.91 27.91 -44.38
N GLY B 94 -7.86 28.51 -43.66
CA GLY B 94 -8.29 29.86 -43.97
C GLY B 94 -7.36 30.96 -43.49
N GLN B 95 -6.37 30.63 -42.66
CA GLN B 95 -5.46 31.64 -42.13
C GLN B 95 -3.99 31.24 -42.25
N LEU B 96 -3.68 30.15 -42.95
CA LEU B 96 -2.31 29.71 -43.15
C LEU B 96 -2.04 29.51 -44.64
N ASP B 97 -0.96 30.13 -45.12
CA ASP B 97 -0.42 29.87 -46.44
C ASP B 97 -0.14 28.37 -46.60
N ASP B 98 0.00 27.93 -47.85
CA ASP B 98 0.47 26.57 -48.10
C ASP B 98 1.92 26.41 -47.67
N ALA B 99 2.74 27.42 -47.93
CA ALA B 99 4.11 27.38 -47.44
C ALA B 99 4.16 27.46 -45.92
N ALA B 100 3.20 28.15 -45.30
CA ALA B 100 3.14 28.19 -43.85
C ALA B 100 2.70 26.85 -43.28
N ALA B 101 1.84 26.12 -43.99
CA ALA B 101 1.48 24.78 -43.55
C ALA B 101 2.67 23.84 -43.63
N ASP B 102 3.46 23.93 -44.71
CA ASP B 102 4.64 23.08 -44.82
C ASP B 102 5.67 23.41 -43.75
N ALA B 103 5.83 24.69 -43.42
CA ALA B 103 6.81 25.07 -42.41
C ALA B 103 6.42 24.56 -41.04
N LEU B 104 5.12 24.59 -40.72
CA LEU B 104 4.68 24.04 -39.44
C LEU B 104 4.93 22.55 -39.38
N VAL B 105 4.64 21.82 -40.46
CA VAL B 105 4.89 20.38 -40.47
C VAL B 105 6.38 20.11 -40.27
N ALA B 106 7.23 20.84 -40.99
CA ALA B 106 8.68 20.66 -40.83
C ALA B 106 9.09 20.89 -39.39
N TYR B 107 8.59 21.96 -38.77
CA TYR B 107 8.90 22.24 -37.38
C TYR B 107 8.45 21.09 -36.46
N LEU B 108 7.25 20.55 -36.68
CA LEU B 108 6.76 19.48 -35.81
C LEU B 108 7.63 18.23 -35.88
N TYR B 109 8.13 17.89 -37.06
CA TYR B 109 8.88 16.65 -37.20
C TYR B 109 10.39 16.82 -37.01
N GLN B 110 10.85 18.04 -36.77
CA GLN B 110 12.27 18.32 -36.54
C GLN B 110 12.57 18.13 -35.06
N ALA B 111 13.66 17.43 -34.76
CA ALA B 111 14.07 17.28 -33.39
C ALA B 111 14.40 18.65 -32.80
N PRO B 112 14.02 18.92 -31.56
CA PRO B 112 14.37 20.22 -30.95
C PRO B 112 15.87 20.35 -30.75
N PRO B 113 16.37 21.57 -30.58
CA PRO B 113 17.82 21.75 -30.41
C PRO B 113 18.39 20.98 -29.23
N ARG B 114 17.63 20.87 -28.14
CA ARG B 114 18.00 20.03 -27.00
C ARG B 114 16.80 19.17 -26.64
N GLU B 115 17.10 17.96 -26.19
CA GLU B 115 16.05 17.01 -25.82
C GLU B 115 15.22 17.55 -24.66
N PRO B 116 13.90 17.50 -24.74
CA PRO B 116 13.07 17.93 -23.61
C PRO B 116 13.32 17.08 -22.37
N GLN B 117 13.22 17.72 -21.21
CA GLN B 117 13.38 17.07 -19.91
C GLN B 117 12.03 16.85 -19.25
N TRP B 118 11.97 15.83 -18.37
CA TRP B 118 10.81 15.67 -17.51
C TRP B 118 11.29 15.08 -16.18
N SER B 119 11.53 15.95 -15.22
CA SER B 119 12.21 15.61 -13.98
C SER B 119 11.24 15.12 -12.91
N ALA B 120 11.82 14.65 -11.80
CA ALA B 120 11.03 14.31 -10.62
C ALA B 120 10.14 15.46 -10.19
N GLU B 121 10.67 16.69 -10.25
CA GLU B 121 9.88 17.86 -9.86
C GLU B 121 8.71 18.08 -10.84
N ASP B 122 8.95 17.94 -12.14
CA ASP B 122 7.86 18.02 -13.12
C ASP B 122 6.79 16.96 -12.82
N ILE B 123 7.23 15.72 -12.57
CA ILE B 123 6.30 14.63 -12.29
C ILE B 123 5.46 14.95 -11.06
N ARG B 124 6.12 15.33 -9.94
CA ARG B 124 5.38 15.59 -8.72
CA ARG B 124 5.37 15.58 -8.72
C ARG B 124 4.40 16.74 -8.89
N ALA B 125 4.81 17.78 -9.61
CA ALA B 125 3.94 18.95 -9.83
C ALA B 125 2.70 18.59 -10.65
N SER B 126 2.75 17.51 -11.42
CA SER B 126 1.65 17.12 -12.30
C SER B 126 0.59 16.29 -11.61
N GLN B 127 0.86 15.77 -10.42
CA GLN B 127 -0.07 14.86 -9.77
C GLN B 127 -1.35 15.58 -9.39
N VAL B 128 -2.49 14.96 -9.69
CA VAL B 128 -3.79 15.41 -9.22
C VAL B 128 -4.49 14.21 -8.61
N GLN B 129 -5.39 14.49 -7.66
CA GLN B 129 -6.06 13.44 -6.87
C GLN B 129 -7.51 13.83 -6.63
N PRO B 130 -8.34 13.73 -7.67
CA PRO B 130 -9.75 14.17 -7.50
C PRO B 130 -10.54 13.36 -6.48
N HIS B 131 -10.26 12.06 -6.32
CA HIS B 131 -11.01 11.23 -5.38
C HIS B 131 -10.05 10.26 -4.71
N PRO B 132 -9.33 10.72 -3.69
CA PRO B 132 -8.37 9.84 -3.01
C PRO B 132 -9.04 8.58 -2.47
N LEU B 133 -8.34 7.45 -2.61
CA LEU B 133 -8.90 6.17 -2.16
C LEU B 133 -9.28 6.19 -0.69
N ALA B 134 -8.52 6.92 0.15
CA ALA B 134 -8.84 6.99 1.56
C ALA B 134 -10.24 7.55 1.82
N THR B 135 -10.78 8.34 0.88
CA THR B 135 -12.08 8.98 1.04
C THR B 135 -13.21 8.18 0.41
N LEU B 136 -12.92 7.04 -0.24
CA LEU B 136 -13.94 6.29 -0.94
C LEU B 136 -14.33 5.02 -0.20
N PRO B 137 -15.60 4.63 -0.27
CA PRO B 137 -16.01 3.35 0.32
C PRO B 137 -15.42 2.18 -0.45
N SER B 138 -15.12 1.11 0.29
CA SER B 138 -14.47 -0.07 -0.28
C SER B 138 -15.50 -1.13 -0.69
N ARG B 139 -16.51 -0.71 -1.44
CA ARG B 139 -17.51 -1.64 -1.94
C ARG B 139 -17.96 -1.14 -3.31
N PRO B 140 -18.42 -2.03 -4.19
CA PRO B 140 -19.03 -1.57 -5.43
C PRO B 140 -20.38 -0.92 -5.15
N ARG B 141 -20.65 0.17 -5.86
CA ARG B 141 -21.88 0.91 -5.69
C ARG B 141 -22.89 0.62 -6.81
N PHE B 142 -22.79 -0.56 -7.42
CA PHE B 142 -23.66 -0.96 -8.52
C PHE B 142 -23.93 -2.45 -8.41
N GLU B 143 -24.82 -2.94 -9.29
CA GLU B 143 -25.24 -4.34 -9.25
C GLU B 143 -24.34 -5.26 -10.05
N ALA B 144 -23.73 -4.76 -11.13
CA ALA B 144 -22.91 -5.61 -11.99
C ALA B 144 -21.82 -6.32 -11.20
N ASP B 145 -21.58 -7.58 -11.54
CA ASP B 145 -20.50 -8.37 -10.96
C ASP B 145 -19.15 -7.69 -11.21
N PRO B 146 -18.45 -7.23 -10.17
CA PRO B 146 -17.18 -6.54 -10.42
C PRO B 146 -16.14 -7.40 -11.11
N LEU B 147 -16.20 -8.71 -10.96
CA LEU B 147 -15.22 -9.59 -11.57
C LEU B 147 -15.53 -9.94 -13.02
N ASN B 148 -16.67 -9.48 -13.56
CA ASN B 148 -16.96 -9.70 -14.97
C ASN B 148 -17.08 -8.39 -15.75
N LEU B 149 -16.62 -7.28 -15.17
CA LEU B 149 -16.63 -6.00 -15.88
C LEU B 149 -15.62 -6.03 -17.03
N PHE B 150 -15.95 -5.33 -18.11
CA PHE B 150 -15.02 -5.05 -19.18
C PHE B 150 -14.66 -3.57 -19.14
N VAL B 151 -13.36 -3.29 -19.26
CA VAL B 151 -12.85 -1.96 -19.52
C VAL B 151 -12.64 -1.86 -21.02
N VAL B 152 -13.37 -0.95 -21.67
CA VAL B 152 -13.41 -0.84 -23.13
C VAL B 152 -12.75 0.46 -23.55
N VAL B 153 -11.72 0.38 -24.40
CA VAL B 153 -11.02 1.56 -24.88
C VAL B 153 -11.68 2.00 -26.20
N GLU B 154 -12.26 3.20 -26.18
CA GLU B 154 -12.83 3.82 -27.39
C GLU B 154 -11.78 4.77 -27.94
N SER B 155 -10.93 4.25 -28.81
CA SER B 155 -9.75 5.01 -29.23
C SER B 155 -10.10 6.12 -30.21
N GLY B 156 -11.26 6.04 -30.87
CA GLY B 156 -11.61 7.03 -31.88
C GLY B 156 -11.93 8.39 -31.29
N ASP B 157 -12.59 8.42 -30.14
CA ASP B 157 -12.89 9.69 -29.46
C ASP B 157 -12.37 9.72 -28.02
N HIS B 158 -11.40 8.86 -27.71
CA HIS B 158 -10.66 8.88 -26.46
C HIS B 158 -11.59 8.92 -25.25
N HIS B 159 -12.42 7.88 -25.17
CA HIS B 159 -13.21 7.59 -23.99
C HIS B 159 -12.95 6.15 -23.55
N VAL B 160 -13.39 5.85 -22.35
CA VAL B 160 -13.40 4.49 -21.81
C VAL B 160 -14.81 4.20 -21.36
N THR B 161 -15.28 3.00 -21.66
CA THR B 161 -16.56 2.52 -21.17
C THR B 161 -16.31 1.38 -20.20
N ILE B 162 -17.03 1.40 -19.09
CA ILE B 162 -17.05 0.28 -18.15
C ILE B 162 -18.32 -0.51 -18.44
N LEU B 163 -18.16 -1.77 -18.85
CA LEU B 163 -19.28 -2.58 -19.31
C LEU B 163 -19.62 -3.67 -18.30
N ASP B 164 -20.89 -3.74 -17.92
CA ASP B 164 -21.43 -4.92 -17.26
C ASP B 164 -21.29 -6.13 -18.19
N GLY B 165 -20.52 -7.13 -17.75
CA GLY B 165 -20.18 -8.25 -18.60
C GLY B 165 -21.21 -9.35 -18.69
N ASP B 166 -22.29 -9.25 -17.93
CA ASP B 166 -23.42 -10.15 -18.04
C ASP B 166 -24.56 -9.57 -18.86
N ARG B 167 -24.81 -8.28 -18.72
CA ARG B 167 -25.86 -7.61 -19.51
C ARG B 167 -25.31 -6.96 -20.76
N PHE B 168 -23.99 -6.81 -20.88
CA PHE B 168 -23.35 -6.13 -21.99
C PHE B 168 -23.94 -4.73 -22.19
N GLU B 169 -24.02 -4.01 -21.08
CA GLU B 169 -24.50 -2.64 -21.04
C GLU B 169 -23.51 -1.78 -20.27
N PRO B 170 -23.38 -0.52 -20.66
CA PRO B 170 -22.44 0.37 -19.94
C PRO B 170 -22.96 0.74 -18.58
N ILE B 171 -22.08 0.71 -17.58
CA ILE B 171 -22.38 1.28 -16.28
C ILE B 171 -21.65 2.59 -16.04
N ALA B 172 -20.69 2.94 -16.90
CA ALA B 172 -20.05 4.24 -16.84
C ALA B 172 -19.29 4.46 -18.14
N ARG B 173 -19.07 5.73 -18.45
CA ARG B 173 -18.25 6.14 -19.57
C ARG B 173 -17.61 7.48 -19.25
N PHE B 174 -16.33 7.61 -19.50
CA PHE B 174 -15.63 8.85 -19.22
C PHE B 174 -14.60 9.14 -20.30
N PRO B 175 -14.32 10.42 -20.56
CA PRO B 175 -13.21 10.75 -21.46
C PRO B 175 -11.88 10.43 -20.81
N SER B 176 -10.97 9.91 -21.61
CA SER B 176 -9.67 9.51 -21.10
C SER B 176 -8.65 10.55 -21.51
N ARG B 177 -7.42 10.36 -21.07
CA ARG B 177 -6.31 11.08 -21.68
C ARG B 177 -6.18 10.68 -23.13
N TYR B 178 -5.52 11.52 -23.90
CA TYR B 178 -5.40 11.31 -25.34
C TYR B 178 -4.51 10.11 -25.65
N ALA B 179 -5.02 9.22 -26.51
CA ALA B 179 -4.26 8.11 -27.09
C ALA B 179 -3.68 7.18 -26.00
N LEU B 180 -4.58 6.46 -25.35
CA LEU B 180 -4.17 5.46 -24.38
C LEU B 180 -3.30 4.40 -25.06
N HIS B 181 -2.26 3.97 -24.34
CA HIS B 181 -1.22 3.10 -24.87
C HIS B 181 -1.03 1.87 -24.00
N GLY B 182 -0.83 0.72 -24.62
CA GLY B 182 -0.34 -0.45 -23.91
C GLY B 182 -1.35 -1.24 -23.12
N GLY B 183 -2.65 -0.94 -23.26
CA GLY B 183 -3.66 -1.68 -22.53
C GLY B 183 -3.62 -1.43 -21.03
N PRO B 184 -4.78 -1.42 -20.39
CA PRO B 184 -4.83 -1.13 -18.95
C PRO B 184 -4.36 -2.31 -18.12
N LYS B 185 -3.92 -2.00 -16.90
CA LYS B 185 -3.49 -3.02 -15.94
C LYS B 185 -4.35 -2.92 -14.70
N PHE B 186 -4.51 -4.04 -14.00
CA PHE B 186 -5.38 -4.09 -12.83
C PHE B 186 -4.59 -4.32 -11.54
N SER B 187 -5.12 -3.77 -10.44
CA SER B 187 -4.71 -4.23 -9.12
C SER B 187 -4.99 -5.73 -9.01
N PRO B 188 -4.32 -6.43 -8.10
CA PRO B 188 -4.50 -7.88 -8.05
C PRO B 188 -5.92 -8.32 -7.70
N ASP B 189 -6.67 -7.53 -6.93
CA ASP B 189 -8.05 -7.87 -6.63
C ASP B 189 -9.03 -7.38 -7.71
N GLY B 190 -8.55 -6.67 -8.72
CA GLY B 190 -9.38 -6.23 -9.83
C GLY B 190 -10.17 -4.96 -9.57
N ARG B 191 -10.00 -4.31 -8.43
CA ARG B 191 -10.78 -3.13 -8.10
C ARG B 191 -10.27 -1.91 -8.85
N LEU B 192 -8.96 -1.79 -9.01
CA LEU B 192 -8.33 -0.59 -9.56
C LEU B 192 -7.80 -0.89 -10.95
N VAL B 193 -7.90 0.09 -11.84
CA VAL B 193 -7.38 -0.07 -13.20
C VAL B 193 -6.46 1.11 -13.48
N TYR B 194 -5.34 0.82 -14.14
CA TYR B 194 -4.28 1.78 -14.41
C TYR B 194 -4.12 1.95 -15.92
N PHE B 195 -4.18 3.19 -16.38
CA PHE B 195 -4.06 3.51 -17.80
C PHE B 195 -2.80 4.34 -18.03
N ALA B 196 -2.17 4.12 -19.18
CA ALA B 196 -1.05 4.92 -19.65
C ALA B 196 -1.40 5.55 -21.00
N SER B 197 -1.08 6.81 -21.18
CA SER B 197 -1.32 7.49 -22.43
C SER B 197 -0.01 7.73 -23.17
N ARG B 198 -0.15 7.91 -24.50
CA ARG B 198 1.01 8.12 -25.36
C ARG B 198 1.92 9.23 -24.84
N ASP B 199 1.33 10.34 -24.41
CA ASP B 199 2.08 11.53 -24.05
C ASP B 199 2.45 11.58 -22.57
N GLY B 200 2.28 10.47 -21.86
CA GLY B 200 2.92 10.27 -20.56
C GLY B 200 2.03 10.33 -19.34
N TRP B 201 0.71 10.43 -19.51
CA TRP B 201 -0.20 10.49 -18.37
C TRP B 201 -0.59 9.09 -17.91
N VAL B 202 -0.57 8.91 -16.58
CA VAL B 202 -1.02 7.70 -15.93
C VAL B 202 -2.28 8.04 -15.14
N THR B 203 -3.30 7.22 -15.29
CA THR B 203 -4.61 7.44 -14.67
C THR B 203 -4.97 6.21 -13.86
N LEU B 204 -5.40 6.44 -12.62
CA LEU B 204 -5.84 5.40 -11.69
C LEU B 204 -7.34 5.59 -11.52
N TYR B 205 -8.09 4.54 -11.81
CA TYR B 205 -9.55 4.57 -11.80
C TYR B 205 -10.07 3.48 -10.89
N ASP B 206 -10.99 3.84 -10.00
CA ASP B 206 -11.57 2.92 -9.03
C ASP B 206 -12.87 2.37 -9.61
N LEU B 207 -12.85 1.10 -10.00
CA LEU B 207 -14.05 0.49 -10.61
C LEU B 207 -15.21 0.38 -9.63
N TYR B 208 -14.93 0.20 -8.33
CA TYR B 208 -16.03 0.08 -7.38
C TYR B 208 -16.84 1.37 -7.28
N ASN B 209 -16.18 2.52 -7.39
CA ASN B 209 -16.86 3.81 -7.26
C ASN B 209 -17.01 4.56 -8.57
N LEU B 210 -16.47 4.01 -9.67
CA LEU B 210 -16.57 4.61 -10.98
C LEU B 210 -16.08 6.05 -10.95
N LYS B 211 -14.85 6.21 -10.40
CA LYS B 211 -14.25 7.51 -10.21
C LYS B 211 -12.75 7.46 -10.51
N VAL B 212 -12.27 8.52 -11.13
CA VAL B 212 -10.83 8.74 -11.24
C VAL B 212 -10.28 9.08 -9.86
N VAL B 213 -9.28 8.31 -9.42
CA VAL B 213 -8.66 8.49 -8.11
C VAL B 213 -7.51 9.49 -8.18
N ALA B 214 -6.67 9.34 -9.20
CA ALA B 214 -5.45 10.13 -9.30
C ALA B 214 -4.94 10.06 -10.74
N GLU B 215 -4.16 11.06 -11.11
CA GLU B 215 -3.43 11.08 -12.37
C GLU B 215 -2.08 11.75 -12.13
N VAL B 216 -1.10 11.37 -12.94
CA VAL B 216 0.22 11.99 -12.89
C VAL B 216 0.85 11.84 -14.27
N ARG B 217 1.72 12.79 -14.61
CA ARG B 217 2.45 12.73 -15.87
C ARG B 217 3.83 12.17 -15.57
N ALA B 218 4.04 10.92 -15.96
CA ALA B 218 5.30 10.22 -15.70
C ALA B 218 6.38 10.54 -16.73
N GLY B 219 6.01 10.92 -17.94
CA GLY B 219 6.96 11.12 -19.03
C GLY B 219 6.35 11.98 -20.12
N LEU B 220 7.12 12.14 -21.20
CA LEU B 220 6.70 12.90 -22.36
C LEU B 220 6.23 12.01 -23.50
N ASN B 221 6.78 10.80 -23.60
CA ASN B 221 6.34 9.79 -24.55
C ASN B 221 6.49 8.45 -23.83
N THR B 222 5.38 7.76 -23.62
CA THR B 222 5.32 6.59 -22.77
C THR B 222 4.94 5.37 -23.58
N ARG B 223 5.51 4.22 -23.21
CA ARG B 223 5.25 2.96 -23.90
C ARG B 223 4.17 2.14 -23.19
N ASN B 224 4.40 1.78 -21.94
CA ASN B 224 3.37 1.06 -21.18
C ASN B 224 3.71 1.13 -19.70
N LEU B 225 2.88 0.49 -18.88
CA LEU B 225 3.10 0.40 -17.46
C LEU B 225 2.78 -1.00 -16.98
N ALA B 226 3.22 -1.29 -15.76
CA ALA B 226 3.02 -2.59 -15.13
C ALA B 226 2.73 -2.37 -13.65
N VAL B 227 1.92 -3.25 -13.09
CA VAL B 227 1.55 -3.19 -11.67
C VAL B 227 2.14 -4.41 -10.97
N SER B 228 2.79 -4.18 -9.83
CA SER B 228 3.40 -5.29 -9.10
C SER B 228 2.32 -6.24 -8.59
N ASP B 229 2.70 -7.51 -8.43
CA ASP B 229 1.67 -8.51 -8.11
C ASP B 229 1.16 -8.38 -6.68
N ASP B 230 1.88 -7.67 -5.80
CA ASP B 230 1.37 -7.37 -4.46
C ASP B 230 0.57 -6.06 -4.44
N GLY B 231 0.39 -5.41 -5.60
CA GLY B 231 -0.42 -4.23 -5.69
C GLY B 231 0.20 -2.95 -5.19
N ARG B 232 1.49 -2.96 -4.82
CA ARG B 232 2.08 -1.78 -4.21
C ARG B 232 2.62 -0.75 -5.20
N TRP B 233 3.07 -1.19 -6.37
CA TRP B 233 3.90 -0.38 -7.24
C TRP B 233 3.33 -0.33 -8.66
N VAL B 234 3.48 0.82 -9.30
CA VAL B 234 3.33 0.97 -10.75
C VAL B 234 4.70 1.35 -11.30
N LEU B 235 5.12 0.64 -12.35
CA LEU B 235 6.36 0.95 -13.04
C LEU B 235 6.00 1.38 -14.46
N VAL B 236 6.44 2.57 -14.85
CA VAL B 236 6.13 3.16 -16.14
C VAL B 236 7.38 3.14 -17.01
N GLY B 237 7.25 2.61 -18.23
CA GLY B 237 8.35 2.54 -19.15
C GLY B 237 8.23 3.62 -20.22
N ASN B 238 9.21 4.51 -20.24
CA ASN B 238 9.18 5.69 -21.10
C ASN B 238 10.17 5.58 -22.25
N TYR B 239 9.74 6.09 -23.40
CA TYR B 239 10.65 6.40 -24.50
C TYR B 239 11.37 7.72 -24.24
N LEU B 240 10.63 8.73 -23.78
CA LEU B 240 11.15 10.07 -23.55
C LEU B 240 10.62 10.61 -22.22
N PRO B 241 11.49 10.97 -21.27
CA PRO B 241 12.91 10.64 -21.23
C PRO B 241 13.11 9.14 -21.28
N GLY B 242 14.35 8.68 -21.51
CA GLY B 242 14.63 7.27 -21.49
C GLY B 242 14.77 6.76 -20.08
N ASN B 243 13.66 6.35 -19.46
CA ASN B 243 13.73 6.01 -18.04
C ASN B 243 12.55 5.12 -17.64
N LEU B 244 12.60 4.68 -16.40
CA LEU B 244 11.49 4.05 -15.70
C LEU B 244 11.04 4.98 -14.60
N VAL B 245 9.74 5.05 -14.38
CA VAL B 245 9.20 5.85 -13.30
C VAL B 245 8.41 4.91 -12.39
N LEU B 246 8.81 4.87 -11.13
CA LEU B 246 8.19 4.04 -10.11
C LEU B 246 7.23 4.90 -9.30
N LEU B 247 5.97 4.48 -9.25
CA LEU B 247 4.89 5.18 -8.58
C LEU B 247 4.25 4.29 -7.51
N ASP B 248 3.75 4.93 -6.46
CA ASP B 248 2.92 4.23 -5.47
C ASP B 248 1.55 3.96 -6.12
N ALA B 249 1.17 2.69 -6.15
CA ALA B 249 -0.07 2.27 -6.82
C ALA B 249 -1.34 2.78 -6.14
N ARG B 250 -1.27 3.28 -4.91
CA ARG B 250 -2.47 3.77 -4.24
C ARG B 250 -2.83 5.20 -4.60
N ASP B 251 -1.86 6.01 -5.04
CA ASP B 251 -2.14 7.41 -5.30
C ASP B 251 -1.32 8.01 -6.45
N LEU B 252 -0.53 7.21 -7.15
CA LEU B 252 0.34 7.64 -8.24
C LEU B 252 1.36 8.68 -7.81
N SER B 253 1.67 8.75 -6.50
CA SER B 253 2.77 9.60 -6.06
C SER B 253 4.10 9.04 -6.58
N LEU B 254 5.07 9.92 -6.79
CA LEU B 254 6.36 9.50 -7.30
C LEU B 254 7.20 8.84 -6.21
N VAL B 255 7.70 7.65 -6.49
CA VAL B 255 8.69 7.01 -5.63
C VAL B 255 10.11 7.24 -6.12
N GLN B 256 10.39 6.99 -7.40
CA GLN B 256 11.74 7.15 -7.90
CA GLN B 256 11.74 7.13 -7.90
C GLN B 256 11.74 7.16 -9.42
N VAL B 257 12.61 8.02 -9.98
CA VAL B 257 12.91 8.03 -11.41
C VAL B 257 14.19 7.23 -11.62
N ILE B 258 14.12 6.18 -12.44
CA ILE B 258 15.28 5.33 -12.67
C ILE B 258 15.75 5.54 -14.11
N PRO B 259 16.87 6.23 -14.34
CA PRO B 259 17.33 6.40 -15.73
C PRO B 259 17.67 5.05 -16.35
N ALA B 260 17.24 4.88 -17.61
CA ALA B 260 17.54 3.67 -18.37
C ALA B 260 18.89 3.88 -19.06
N ALA B 261 19.94 3.30 -18.49
CA ALA B 261 21.27 3.33 -19.06
C ALA B 261 21.94 1.99 -18.80
N ASP B 262 22.72 1.51 -19.76
CA ASP B 262 23.43 0.27 -19.54
C ASP B 262 24.60 0.50 -18.59
N ALA B 263 25.26 -0.60 -18.22
CA ALA B 263 26.33 -0.56 -17.23
C ALA B 263 27.47 0.36 -17.64
N GLN B 264 27.63 0.62 -18.93
CA GLN B 264 28.65 1.55 -19.41
C GLN B 264 28.15 2.98 -19.52
N GLY B 265 26.92 3.26 -19.10
CA GLY B 265 26.41 4.62 -19.08
C GLY B 265 25.65 5.07 -20.31
N GLN B 266 25.50 4.21 -21.31
CA GLN B 266 24.80 4.57 -22.54
C GLN B 266 23.29 4.59 -22.30
N ALA B 267 22.66 5.68 -22.73
CA ALA B 267 21.24 5.90 -22.50
C ALA B 267 20.40 5.03 -23.44
N SER B 268 19.18 4.75 -23.01
CA SER B 268 18.29 3.90 -23.78
C SER B 268 16.85 4.29 -23.52
N ARG B 269 16.02 4.13 -24.55
CA ARG B 269 14.59 4.11 -24.36
C ARG B 269 14.18 2.78 -23.73
N VAL B 270 13.05 2.80 -23.04
CA VAL B 270 12.46 1.59 -22.49
C VAL B 270 11.42 1.11 -23.49
N SER B 271 11.58 -0.12 -23.96
CA SER B 271 10.60 -0.65 -24.92
C SER B 271 9.31 -1.07 -24.22
N ALA B 272 9.41 -1.76 -23.10
CA ALA B 272 8.23 -2.23 -22.39
C ALA B 272 8.61 -2.69 -20.99
N VAL B 273 7.63 -2.64 -20.09
CA VAL B 273 7.78 -3.20 -18.74
C VAL B 273 6.74 -4.28 -18.55
N TYR B 274 7.09 -5.30 -17.78
CA TYR B 274 6.22 -6.44 -17.52
C TYR B 274 6.34 -6.86 -16.06
N THR B 275 5.27 -7.46 -15.54
CA THR B 275 5.28 -8.06 -14.21
C THR B 275 5.46 -9.57 -14.33
N ALA B 276 6.34 -10.13 -13.49
CA ALA B 276 6.57 -11.57 -13.41
C ALA B 276 6.16 -12.03 -12.01
N PRO B 277 4.90 -12.40 -11.80
CA PRO B 277 4.38 -12.58 -10.43
C PRO B 277 5.13 -13.62 -9.64
N PRO B 278 5.44 -14.80 -10.18
CA PRO B 278 6.16 -15.80 -9.37
C PRO B 278 7.53 -15.33 -8.93
N ARG B 279 8.15 -14.41 -9.65
CA ARG B 279 9.45 -13.88 -9.28
C ARG B 279 9.35 -12.60 -8.46
N HIS B 280 8.12 -12.12 -8.22
CA HIS B 280 7.87 -10.86 -7.53
C HIS B 280 8.81 -9.78 -8.05
N SER B 281 8.74 -9.58 -9.37
CA SER B 281 9.64 -8.65 -10.01
C SER B 281 8.99 -8.04 -11.25
N PHE B 282 9.51 -6.88 -11.62
CA PHE B 282 9.28 -6.31 -12.93
C PHE B 282 10.42 -6.74 -13.85
N VAL B 283 10.08 -6.95 -15.12
CA VAL B 283 11.07 -7.22 -16.16
C VAL B 283 10.95 -6.11 -17.20
N VAL B 284 12.11 -5.64 -17.68
CA VAL B 284 12.17 -4.44 -18.51
C VAL B 284 12.94 -4.76 -19.78
N ALA B 285 12.32 -4.50 -20.92
CA ALA B 285 12.97 -4.58 -22.22
C ALA B 285 13.47 -3.19 -22.60
N LEU B 286 14.73 -3.12 -23.03
CA LEU B 286 15.41 -1.87 -23.36
C LEU B 286 15.69 -1.80 -24.85
N LYS B 287 15.41 -0.66 -25.45
CA LYS B 287 15.41 -0.56 -26.90
C LYS B 287 16.81 -0.45 -27.50
N ASP B 288 17.74 0.23 -26.82
CA ASP B 288 18.95 0.72 -27.46
C ASP B 288 20.25 0.24 -26.81
N VAL B 289 20.19 -0.69 -25.86
CA VAL B 289 21.39 -1.25 -25.24
C VAL B 289 21.25 -2.76 -25.14
N HIS B 290 22.37 -3.42 -24.90
CA HIS B 290 22.42 -4.89 -24.91
C HIS B 290 22.21 -5.47 -23.51
N GLU B 291 21.13 -5.03 -22.87
CA GLU B 291 20.76 -5.44 -21.53
C GLU B 291 19.26 -5.59 -21.45
N LEU B 292 18.81 -6.50 -20.61
CA LEU B 292 17.45 -6.51 -20.10
C LEU B 292 17.56 -6.47 -18.57
N TRP B 293 16.55 -5.95 -17.93
CA TRP B 293 16.57 -5.77 -16.48
C TRP B 293 15.47 -6.57 -15.79
N GLU B 294 15.78 -7.04 -14.59
CA GLU B 294 14.80 -7.53 -13.66
C GLU B 294 14.88 -6.68 -12.40
N LEU B 295 13.73 -6.17 -11.94
CA LEU B 295 13.66 -5.34 -10.74
C LEU B 295 12.84 -6.05 -9.67
N PRO B 296 13.47 -6.77 -8.75
CA PRO B 296 12.68 -7.48 -7.72
C PRO B 296 12.07 -6.51 -6.72
N TYR B 297 10.86 -6.81 -6.29
CA TYR B 297 10.17 -5.97 -5.30
C TYR B 297 9.69 -6.75 -4.08
N ALA B 298 10.09 -8.01 -3.93
CA ALA B 298 9.65 -8.76 -2.75
C ALA B 298 10.08 -8.09 -1.46
N ASN B 299 11.22 -7.42 -1.46
CA ASN B 299 11.78 -6.82 -0.25
C ASN B 299 11.59 -5.30 -0.20
N GLY B 300 10.84 -4.72 -1.13
CA GLY B 300 10.47 -3.33 -1.06
C GLY B 300 10.53 -2.66 -2.41
N LYS B 301 10.45 -1.33 -2.39
CA LYS B 301 10.37 -0.55 -3.60
C LYS B 301 11.43 -1.02 -4.60
N PRO B 302 11.06 -1.36 -5.83
CA PRO B 302 12.05 -1.90 -6.77
C PRO B 302 12.85 -0.82 -7.49
N VAL B 303 13.98 -0.42 -6.91
CA VAL B 303 14.77 0.67 -7.45
C VAL B 303 16.16 0.24 -7.89
N ALA B 304 16.49 -1.04 -7.78
CA ALA B 304 17.82 -1.54 -8.17
C ALA B 304 17.68 -2.64 -9.21
N PRO B 305 18.08 -2.43 -10.45
CA PRO B 305 17.93 -3.49 -11.46
C PRO B 305 19.05 -4.52 -11.40
N LYS B 306 18.66 -5.77 -11.61
CA LYS B 306 19.60 -6.84 -11.94
C LYS B 306 19.74 -6.86 -13.45
N ARG B 307 20.96 -6.69 -13.94
CA ARG B 307 21.22 -6.54 -15.37
C ARG B 307 21.58 -7.88 -16.00
N LEU B 308 20.93 -8.23 -17.10
CA LEU B 308 21.26 -9.42 -17.88
C LEU B 308 21.71 -8.97 -19.27
N ALA B 309 22.94 -9.32 -19.63
CA ALA B 309 23.46 -9.00 -20.94
C ALA B 309 22.78 -9.88 -22.00
N VAL B 310 22.56 -9.30 -23.18
CA VAL B 310 22.00 -10.03 -24.31
C VAL B 310 22.85 -9.77 -25.54
N ALA B 311 22.92 -10.77 -26.42
CA ALA B 311 23.82 -10.69 -27.57
C ALA B 311 23.37 -9.63 -28.57
N ASP B 312 22.07 -9.39 -28.67
CA ASP B 312 21.52 -8.41 -29.59
C ASP B 312 20.32 -7.74 -28.93
N TYR B 313 19.87 -6.64 -29.54
CA TYR B 313 18.73 -5.91 -29.00
C TYR B 313 17.52 -6.84 -28.89
N LEU B 314 16.90 -6.85 -27.71
CA LEU B 314 15.83 -7.77 -27.41
C LEU B 314 14.65 -6.99 -26.85
N ASP B 315 13.49 -7.14 -27.49
CA ASP B 315 12.26 -6.61 -26.91
C ASP B 315 11.11 -7.53 -27.32
N ASP B 316 9.88 -7.08 -27.07
CA ASP B 316 8.68 -7.87 -27.38
C ASP B 316 8.74 -9.21 -26.66
N PHE B 317 8.74 -9.15 -25.33
CA PHE B 317 8.94 -10.32 -24.49
C PHE B 317 7.65 -11.11 -24.33
N SER B 318 7.77 -12.43 -24.41
CA SER B 318 6.75 -13.35 -23.92
C SER B 318 7.36 -14.22 -22.83
N PHE B 319 6.57 -14.53 -21.80
CA PHE B 319 7.03 -15.39 -20.72
C PHE B 319 6.41 -16.77 -20.81
N SER B 320 7.22 -17.80 -20.57
CA SER B 320 6.69 -19.14 -20.40
C SER B 320 5.72 -19.14 -19.21
N PRO B 321 4.81 -20.11 -19.16
CA PRO B 321 3.75 -20.05 -18.13
C PRO B 321 4.28 -20.05 -16.69
N ASP B 322 5.42 -20.66 -16.44
CA ASP B 322 6.02 -20.64 -15.12
C ASP B 322 7.04 -19.50 -14.94
N TYR B 323 7.10 -18.59 -15.91
CA TYR B 323 8.03 -17.45 -15.89
C TYR B 323 9.48 -17.86 -15.70
N ARG B 324 9.81 -19.12 -15.97
CA ARG B 324 11.20 -19.53 -15.95
C ARG B 324 11.95 -19.05 -17.18
N TYR B 325 11.25 -18.92 -18.31
CA TYR B 325 11.88 -18.54 -19.56
C TYR B 325 11.22 -17.29 -20.12
N LEU B 326 12.02 -16.55 -20.87
CA LEU B 326 11.57 -15.35 -21.55
C LEU B 326 11.82 -15.59 -23.04
N LEU B 327 10.78 -15.36 -23.84
CA LEU B 327 10.91 -15.41 -25.29
C LEU B 327 10.94 -13.98 -25.80
N GLY B 328 11.96 -13.66 -26.60
CA GLY B 328 12.07 -12.33 -27.18
C GLY B 328 12.51 -12.44 -28.63
N SER B 329 12.29 -11.36 -29.36
CA SER B 329 12.72 -11.29 -30.76
C SER B 329 13.90 -10.34 -30.84
N SER B 330 14.94 -10.77 -31.56
CA SER B 330 16.16 -10.00 -31.71
C SER B 330 16.14 -9.19 -32.99
N ARG B 331 16.79 -8.02 -32.95
CA ARG B 331 16.82 -7.14 -34.10
C ARG B 331 17.60 -7.77 -35.25
N GLN B 332 18.83 -8.19 -34.99
CA GLN B 332 19.68 -8.76 -36.04
C GLN B 332 19.06 -10.02 -36.64
N ALA B 333 18.79 -11.02 -35.80
CA ALA B 333 18.29 -12.31 -36.26
C ALA B 333 16.77 -12.29 -36.33
N ARG B 334 16.24 -12.64 -37.51
CA ARG B 334 14.79 -12.72 -37.71
C ARG B 334 14.29 -14.02 -37.08
N GLY B 335 14.09 -13.96 -35.77
CA GLY B 335 13.63 -15.13 -35.05
C GLY B 335 13.63 -14.89 -33.57
N GLY B 336 13.10 -15.85 -32.84
CA GLY B 336 12.90 -15.75 -31.40
C GLY B 336 14.04 -16.34 -30.60
N GLU B 337 14.40 -15.65 -29.52
CA GLU B 337 15.43 -16.09 -28.59
C GLU B 337 14.78 -16.50 -27.28
N VAL B 338 15.26 -17.60 -26.69
CA VAL B 338 14.71 -18.10 -25.44
C VAL B 338 15.78 -17.97 -24.37
N ILE B 339 15.46 -17.24 -23.30
CA ILE B 339 16.42 -16.91 -22.25
C ILE B 339 15.91 -17.48 -20.95
N GLU B 340 16.77 -18.20 -20.24
CA GLU B 340 16.45 -18.58 -18.87
C GLU B 340 16.62 -17.36 -17.98
N LEU B 341 15.60 -17.10 -17.15
CA LEU B 341 15.60 -15.85 -16.38
C LEU B 341 16.57 -15.90 -15.21
N ASP B 342 16.59 -17.01 -14.47
CA ASP B 342 17.51 -17.14 -13.34
C ASP B 342 18.96 -16.91 -13.78
N SER B 343 19.41 -17.66 -14.79
CA SER B 343 20.80 -17.61 -15.19
C SER B 343 21.08 -16.59 -16.29
N GLY B 344 20.08 -16.28 -17.12
CA GLY B 344 20.32 -15.42 -18.27
C GLY B 344 20.92 -16.11 -19.46
N ALA B 345 21.10 -17.43 -19.41
CA ALA B 345 21.66 -18.16 -20.54
C ALA B 345 20.65 -18.27 -21.67
N ARG B 346 21.14 -18.18 -22.90
CA ARG B 346 20.29 -18.32 -24.09
C ARG B 346 20.20 -19.80 -24.42
N VAL B 347 19.03 -20.39 -24.17
CA VAL B 347 18.88 -21.85 -24.26
C VAL B 347 18.28 -22.31 -25.58
N ALA B 348 17.84 -21.40 -26.45
CA ALA B 348 17.32 -21.82 -27.74
C ALA B 348 17.15 -20.61 -28.64
N SER B 349 17.48 -20.78 -29.90
CA SER B 349 17.10 -19.84 -30.95
C SER B 349 16.08 -20.54 -31.84
N ILE B 350 14.93 -19.93 -32.02
CA ILE B 350 13.87 -20.51 -32.83
C ILE B 350 13.79 -19.72 -34.13
N PRO B 351 14.21 -20.28 -35.26
CA PRO B 351 14.06 -19.55 -36.54
C PRO B 351 12.58 -19.46 -36.90
N LEU B 352 12.10 -18.24 -37.13
CA LEU B 352 10.69 -17.99 -37.33
C LEU B 352 10.48 -17.22 -38.63
N SER B 353 9.42 -17.59 -39.35
CA SER B 353 9.09 -16.92 -40.59
C SER B 353 8.62 -15.49 -40.32
N GLY B 354 9.07 -14.55 -41.15
CA GLY B 354 8.62 -13.19 -41.04
C GLY B 354 8.99 -12.57 -39.70
N MET B 355 8.08 -11.75 -39.17
CA MET B 355 8.31 -10.97 -37.96
C MET B 355 7.29 -11.39 -36.90
N PRO B 356 7.58 -12.42 -36.12
CA PRO B 356 6.60 -12.88 -35.12
C PRO B 356 6.37 -11.84 -34.05
N HIS B 357 5.11 -11.74 -33.61
CA HIS B 357 4.70 -10.80 -32.58
C HIS B 357 4.57 -11.57 -31.26
N LEU B 358 5.73 -11.84 -30.65
CA LEU B 358 5.78 -12.76 -29.52
C LEU B 358 4.93 -12.27 -28.35
N GLY B 359 4.87 -10.95 -28.15
CA GLY B 359 4.12 -10.40 -27.04
C GLY B 359 2.65 -10.75 -27.06
N SER B 360 2.10 -11.03 -28.25
CA SER B 360 0.71 -11.43 -28.37
C SER B 360 0.50 -12.93 -28.30
N GLY B 361 1.58 -13.71 -28.36
CA GLY B 361 1.44 -15.16 -28.39
C GLY B 361 0.83 -15.72 -27.13
N ILE B 362 0.25 -16.90 -27.26
CA ILE B 362 -0.43 -17.57 -26.15
C ILE B 362 0.02 -19.01 -26.06
N TYR B 363 -0.20 -19.59 -24.87
CA TYR B 363 0.23 -20.94 -24.55
C TYR B 363 -0.98 -21.81 -24.24
N TRP B 364 -0.91 -23.08 -24.62
CA TRP B 364 -1.92 -24.03 -24.17
C TRP B 364 -1.35 -25.43 -24.18
N LYS B 365 -2.02 -26.32 -23.44
CA LYS B 365 -1.64 -27.73 -23.35
C LYS B 365 -2.26 -28.51 -24.50
N ARG B 366 -1.43 -29.21 -25.25
CA ARG B 366 -1.89 -30.02 -26.37
C ARG B 366 -1.27 -31.40 -26.26
N ASP B 367 -2.12 -32.41 -26.05
CA ASP B 367 -1.65 -33.77 -25.80
C ASP B 367 -0.70 -33.79 -24.60
N GLY B 368 -1.06 -33.04 -23.55
CA GLY B 368 -0.25 -32.94 -22.36
C GLY B 368 1.02 -32.13 -22.51
N ARG B 369 1.27 -31.52 -23.67
CA ARG B 369 2.48 -30.77 -23.93
C ARG B 369 2.15 -29.30 -24.11
N TRP B 370 2.95 -28.44 -23.48
CA TRP B 370 2.78 -27.01 -23.67
C TRP B 370 3.18 -26.62 -25.09
N VAL B 371 2.32 -25.88 -25.77
CA VAL B 371 2.64 -25.30 -27.07
C VAL B 371 2.40 -23.79 -26.99
N PHE B 372 2.98 -23.09 -27.95
CA PHE B 372 2.95 -21.63 -28.00
C PHE B 372 2.65 -21.20 -29.43
N ALA B 373 1.67 -20.31 -29.58
CA ALA B 373 1.26 -19.83 -30.89
C ALA B 373 1.43 -18.32 -30.94
N THR B 374 1.99 -17.83 -32.04
CA THR B 374 2.26 -16.40 -32.19
C THR B 374 1.81 -15.93 -33.57
N PRO B 375 1.13 -14.79 -33.66
CA PRO B 375 0.83 -14.19 -34.97
C PRO B 375 2.09 -13.51 -35.51
N ASN B 376 1.94 -12.91 -36.68
CA ASN B 376 3.08 -12.41 -37.44
C ASN B 376 2.76 -11.06 -38.04
N ILE B 377 3.67 -10.10 -37.88
CA ILE B 377 3.48 -8.76 -38.41
C ILE B 377 3.81 -8.68 -39.89
N SER B 378 4.56 -9.63 -40.42
CA SER B 378 5.10 -9.54 -41.77
C SER B 378 4.44 -10.48 -42.77
N ARG B 379 3.94 -11.63 -42.33
CA ARG B 379 3.39 -12.63 -43.23
C ARG B 379 2.11 -13.21 -42.65
N GLY B 380 1.29 -13.76 -43.53
CA GLY B 380 0.06 -14.40 -43.13
C GLY B 380 0.27 -15.80 -42.61
N VAL B 381 0.74 -15.91 -41.36
CA VAL B 381 1.02 -17.21 -40.78
C VAL B 381 0.89 -17.13 -39.27
N ILE B 382 0.32 -18.17 -38.69
CA ILE B 382 0.37 -18.40 -37.25
C ILE B 382 1.39 -19.50 -37.02
N SER B 383 2.42 -19.21 -36.23
CA SER B 383 3.47 -20.16 -35.93
C SER B 383 3.18 -20.83 -34.60
N VAL B 384 3.20 -22.17 -34.58
CA VAL B 384 2.96 -22.93 -33.37
C VAL B 384 4.22 -23.69 -33.03
N ILE B 385 4.69 -23.54 -31.79
CA ILE B 385 5.96 -24.09 -31.34
C ILE B 385 5.71 -25.03 -30.17
N ASP B 386 6.46 -26.12 -30.13
CA ASP B 386 6.43 -27.02 -28.98
C ASP B 386 7.41 -26.52 -27.93
N LEU B 387 6.94 -26.38 -26.69
CA LEU B 387 7.72 -25.71 -25.65
C LEU B 387 8.82 -26.58 -25.07
N GLN B 388 8.62 -27.91 -25.05
CA GLN B 388 9.60 -28.78 -24.41
C GLN B 388 10.98 -28.63 -25.03
N ASN B 389 11.05 -28.68 -26.36
CA ASN B 389 12.31 -28.59 -27.08
C ASN B 389 12.40 -27.35 -27.96
N TRP B 390 11.42 -26.45 -27.89
CA TRP B 390 11.41 -25.22 -28.68
C TRP B 390 11.46 -25.50 -30.17
N LYS B 391 10.87 -26.61 -30.58
CA LYS B 391 10.89 -27.00 -31.98
C LYS B 391 9.62 -26.50 -32.66
N PRO B 392 9.73 -25.78 -33.78
CA PRO B 392 8.51 -25.44 -34.54
C PRO B 392 7.66 -26.67 -34.77
N LEU B 393 6.36 -26.51 -34.53
CA LEU B 393 5.40 -27.60 -34.67
C LEU B 393 4.54 -27.48 -35.93
N LYS B 394 4.09 -26.28 -36.25
CA LYS B 394 3.25 -26.08 -37.43
C LYS B 394 3.15 -24.60 -37.75
N GLU B 395 3.04 -24.30 -39.04
CA GLU B 395 2.73 -22.97 -39.53
C GLU B 395 1.35 -23.00 -40.16
N ILE B 396 0.43 -22.20 -39.64
CA ILE B 396 -0.93 -22.14 -40.15
C ILE B 396 -1.02 -20.93 -41.07
N VAL B 397 -1.29 -21.18 -42.36
CA VAL B 397 -1.41 -20.09 -43.32
C VAL B 397 -2.69 -19.30 -43.06
N THR B 398 -2.59 -17.98 -43.19
CA THR B 398 -3.74 -17.08 -43.08
C THR B 398 -3.71 -16.11 -44.24
N ASP B 399 -4.74 -15.26 -44.31
CA ASP B 399 -4.88 -14.33 -45.43
C ASP B 399 -3.91 -13.16 -45.36
N GLY B 400 -3.38 -12.84 -44.18
CA GLY B 400 -2.47 -11.72 -44.04
C GLY B 400 -1.90 -11.63 -42.64
N PRO B 401 -0.93 -10.75 -42.44
CA PRO B 401 -0.32 -10.61 -41.11
C PRO B 401 -1.36 -10.20 -40.08
N GLY B 402 -1.27 -10.81 -38.90
CA GLY B 402 -2.18 -10.54 -37.81
C GLY B 402 -1.46 -9.88 -36.65
N PHE B 403 -2.24 -9.55 -35.64
CA PHE B 403 -1.67 -8.81 -34.54
C PHE B 403 -2.06 -9.36 -33.16
N PHE B 404 -3.34 -9.70 -32.97
CA PHE B 404 -3.84 -10.12 -31.67
C PHE B 404 -4.08 -11.62 -31.64
N MET B 405 -4.02 -12.19 -30.44
CA MET B 405 -4.32 -13.60 -30.22
C MET B 405 -4.86 -13.76 -28.81
N ARG B 406 -5.91 -14.57 -28.68
CA ARG B 406 -6.56 -14.78 -27.38
C ARG B 406 -7.24 -16.14 -27.35
N SER B 407 -7.22 -16.78 -26.18
CA SER B 407 -8.05 -17.95 -25.95
C SER B 407 -8.58 -17.87 -24.53
N HIS B 408 -9.25 -18.95 -24.13
CA HIS B 408 -9.85 -19.13 -22.82
C HIS B 408 -9.95 -20.63 -22.59
N ALA B 409 -9.79 -21.04 -21.32
CA ALA B 409 -9.88 -22.47 -21.01
C ALA B 409 -11.18 -23.08 -21.50
N ASP B 410 -12.26 -22.29 -21.51
CA ASP B 410 -13.56 -22.79 -21.95
C ASP B 410 -13.66 -22.94 -23.46
N SER B 411 -12.75 -22.37 -24.22
CA SER B 411 -12.87 -22.35 -25.67
C SER B 411 -11.97 -23.39 -26.33
N PRO B 412 -12.48 -24.16 -27.32
CA PRO B 412 -11.61 -25.05 -28.09
C PRO B 412 -10.71 -24.33 -29.08
N TYR B 413 -10.86 -23.02 -29.23
CA TYR B 413 -10.19 -22.27 -30.29
C TYR B 413 -9.23 -21.23 -29.74
N ALA B 414 -8.20 -20.96 -30.52
CA ALA B 414 -7.40 -19.76 -30.38
C ALA B 414 -7.93 -18.74 -31.39
N TRP B 415 -8.24 -17.54 -30.90
CA TRP B 415 -8.91 -16.51 -31.70
C TRP B 415 -7.91 -15.45 -32.12
N THR B 416 -7.84 -15.18 -33.43
CA THR B 416 -6.84 -14.26 -33.96
C THR B 416 -7.40 -13.60 -35.22
N ASP B 417 -6.53 -12.89 -35.94
CA ASP B 417 -6.99 -11.93 -36.95
C ASP B 417 -5.98 -11.89 -38.11
N THR B 418 -6.36 -11.17 -39.16
CA THR B 418 -5.41 -10.75 -40.20
C THR B 418 -5.42 -9.23 -40.22
N PHE B 419 -5.28 -8.66 -39.03
CA PHE B 419 -5.46 -7.23 -38.78
C PHE B 419 -4.66 -6.36 -39.73
N LEU B 420 -3.44 -6.79 -40.10
CA LEU B 420 -2.53 -5.96 -40.87
C LEU B 420 -2.48 -6.33 -42.35
N GLY B 421 -3.35 -7.23 -42.81
CA GLY B 421 -3.33 -7.63 -44.20
C GLY B 421 -4.22 -6.75 -45.08
N LYS B 422 -4.21 -7.08 -46.38
CA LYS B 422 -5.11 -6.42 -47.31
C LYS B 422 -6.56 -6.77 -47.02
N LYS B 423 -6.83 -8.05 -46.80
CA LYS B 423 -8.08 -8.46 -46.17
C LYS B 423 -7.88 -8.44 -44.66
N HIS B 424 -8.87 -7.92 -43.95
CA HIS B 424 -8.70 -7.67 -42.52
C HIS B 424 -10.03 -7.52 -41.78
N ASP B 425 -11.08 -8.16 -42.29
CA ASP B 425 -12.39 -8.08 -41.66
C ASP B 425 -12.85 -9.38 -41.02
N GLU B 426 -11.96 -10.36 -40.86
CA GLU B 426 -12.33 -11.65 -40.32
C GLU B 426 -11.47 -12.00 -39.10
N ILE B 427 -12.14 -12.57 -38.10
CA ILE B 427 -11.49 -13.17 -36.95
C ILE B 427 -11.41 -14.67 -37.21
N LEU B 428 -10.22 -15.24 -37.03
CA LEU B 428 -9.99 -16.65 -37.29
C LEU B 428 -10.03 -17.42 -35.98
N LEU B 429 -10.75 -18.52 -35.97
CA LEU B 429 -10.81 -19.44 -34.85
C LEU B 429 -10.03 -20.70 -35.22
N ILE B 430 -8.92 -20.93 -34.54
CA ILE B 430 -8.01 -22.05 -34.80
C ILE B 430 -8.23 -23.09 -33.73
N ASP B 431 -8.51 -24.32 -34.14
CA ASP B 431 -8.73 -25.42 -33.20
C ASP B 431 -7.41 -25.76 -32.50
N LYS B 432 -7.40 -25.64 -31.18
CA LYS B 432 -6.16 -25.83 -30.42
C LYS B 432 -5.65 -27.26 -30.46
N GLN B 433 -6.48 -28.22 -30.83
CA GLN B 433 -6.07 -29.60 -30.98
C GLN B 433 -5.59 -29.90 -32.40
N THR B 434 -6.39 -29.56 -33.41
CA THR B 434 -6.05 -29.90 -34.79
C THR B 434 -5.11 -28.87 -35.43
N LEU B 435 -5.01 -27.68 -34.84
CA LEU B 435 -4.16 -26.61 -35.37
C LEU B 435 -4.56 -26.24 -36.80
N GLU B 436 -5.87 -26.16 -37.04
CA GLU B 436 -6.41 -25.73 -38.32
C GLU B 436 -7.46 -24.66 -38.07
N ILE B 437 -7.65 -23.78 -39.07
CA ILE B 437 -8.72 -22.80 -38.99
C ILE B 437 -10.05 -23.53 -39.05
N ALA B 438 -10.87 -23.36 -38.01
CA ALA B 438 -12.13 -24.08 -37.90
C ALA B 438 -13.33 -23.22 -38.29
N HIS B 439 -13.32 -21.95 -37.91
CA HIS B 439 -14.40 -21.03 -38.22
C HIS B 439 -13.81 -19.64 -38.46
N ARG B 440 -14.59 -18.79 -39.13
CA ARG B 440 -14.25 -17.40 -39.32
C ARG B 440 -15.47 -16.55 -38.95
N LEU B 441 -15.21 -15.44 -38.28
CA LEU B 441 -16.24 -14.48 -37.90
C LEU B 441 -15.98 -13.18 -38.63
N ARG B 442 -17.04 -12.61 -39.19
CA ARG B 442 -16.93 -11.44 -40.08
C ARG B 442 -17.93 -10.38 -39.62
N PRO B 443 -17.64 -9.69 -38.50
CA PRO B 443 -18.66 -8.81 -37.91
C PRO B 443 -19.10 -7.66 -38.81
N SER B 444 -18.16 -6.99 -39.47
CA SER B 444 -18.48 -5.88 -40.36
C SER B 444 -17.69 -6.02 -41.64
N PRO B 445 -18.28 -6.65 -42.67
CA PRO B 445 -17.61 -6.79 -43.96
C PRO B 445 -16.95 -5.51 -44.45
N GLY B 446 -15.70 -5.63 -44.89
CA GLY B 446 -14.97 -4.50 -45.41
C GLY B 446 -14.31 -3.62 -44.38
N LYS B 447 -14.53 -3.86 -43.09
CA LYS B 447 -13.98 -3.04 -42.02
C LYS B 447 -13.01 -3.85 -41.17
N VAL B 448 -12.04 -3.13 -40.57
CA VAL B 448 -11.00 -3.79 -39.80
C VAL B 448 -11.60 -4.47 -38.58
N ALA B 449 -11.34 -5.77 -38.43
CA ALA B 449 -11.74 -6.52 -37.25
C ALA B 449 -10.49 -7.02 -36.53
N GLY B 450 -10.47 -6.86 -35.21
CA GLY B 450 -9.33 -7.29 -34.44
C GLY B 450 -9.54 -7.12 -32.95
N HIS B 451 -8.96 -8.05 -32.20
CA HIS B 451 -8.94 -8.06 -30.73
C HIS B 451 -10.18 -8.74 -30.16
N VAL B 452 -9.93 -9.74 -29.35
CA VAL B 452 -10.94 -10.59 -28.74
C VAL B 452 -10.67 -10.61 -27.25
N GLU B 453 -11.71 -10.44 -26.46
CA GLU B 453 -11.68 -10.66 -25.03
C GLU B 453 -12.92 -11.48 -24.66
N PHE B 454 -12.78 -12.31 -23.63
CA PHE B 454 -13.85 -13.19 -23.19
C PHE B 454 -14.44 -12.68 -21.88
N THR B 455 -15.70 -13.07 -21.65
CA THR B 455 -16.27 -12.99 -20.31
C THR B 455 -15.46 -13.90 -19.38
N ARG B 456 -15.70 -13.73 -18.08
CA ARG B 456 -14.89 -14.44 -17.08
C ARG B 456 -15.02 -15.96 -17.24
N ASP B 457 -16.21 -16.45 -17.57
CA ASP B 457 -16.42 -17.90 -17.72
C ASP B 457 -16.20 -18.39 -19.15
N GLY B 458 -15.79 -17.52 -20.07
CA GLY B 458 -15.49 -17.90 -21.43
C GLY B 458 -16.70 -18.03 -22.35
N ARG B 459 -17.91 -17.78 -21.84
CA ARG B 459 -19.12 -18.10 -22.59
C ARG B 459 -19.36 -17.14 -23.76
N TYR B 460 -18.86 -15.90 -23.67
CA TYR B 460 -19.00 -14.92 -24.73
C TYR B 460 -17.65 -14.29 -25.07
N ALA B 461 -17.50 -13.95 -26.35
CA ALA B 461 -16.31 -13.30 -26.88
C ALA B 461 -16.72 -11.95 -27.42
N LEU B 462 -15.95 -10.91 -27.09
CA LEU B 462 -16.20 -9.54 -27.53
C LEU B 462 -15.14 -9.14 -28.55
N LEU B 463 -15.59 -8.85 -29.78
CA LEU B 463 -14.73 -8.47 -30.89
C LEU B 463 -14.85 -6.97 -31.18
N SER B 464 -13.76 -6.35 -31.63
CA SER B 464 -13.77 -4.94 -32.02
C SER B 464 -13.76 -4.80 -33.53
N VAL B 465 -14.61 -3.90 -34.03
CA VAL B 465 -14.52 -3.39 -35.39
C VAL B 465 -13.84 -2.03 -35.30
N TRP B 466 -12.59 -1.94 -35.79
CA TRP B 466 -11.75 -0.76 -35.64
C TRP B 466 -12.07 0.25 -36.74
N ASP B 467 -13.26 0.83 -36.65
CA ASP B 467 -13.72 1.76 -37.67
C ASP B 467 -14.39 2.92 -36.97
N ARG B 468 -14.29 4.11 -37.58
CA ARG B 468 -15.04 5.25 -37.07
C ARG B 468 -16.49 4.86 -36.86
N ASP B 469 -17.08 4.14 -37.83
CA ASP B 469 -18.38 3.52 -37.68
C ASP B 469 -18.20 2.07 -37.24
N GLY B 470 -17.57 1.92 -36.07
CA GLY B 470 -17.19 0.64 -35.56
C GLY B 470 -18.19 0.12 -34.55
N ALA B 471 -17.76 -0.90 -33.82
CA ALA B 471 -18.66 -1.61 -32.93
C ALA B 471 -17.90 -2.56 -32.03
N LEU B 472 -18.43 -2.74 -30.84
CA LEU B 472 -18.13 -3.88 -29.98
C LEU B 472 -19.19 -4.95 -30.24
N VAL B 473 -18.76 -6.11 -30.72
CA VAL B 473 -19.69 -7.16 -31.16
C VAL B 473 -19.54 -8.34 -30.22
N VAL B 474 -20.65 -8.74 -29.62
CA VAL B 474 -20.70 -9.83 -28.64
C VAL B 474 -21.14 -11.09 -29.34
N TYR B 475 -20.33 -12.15 -29.25
CA TYR B 475 -20.63 -13.45 -29.82
C TYR B 475 -20.81 -14.48 -28.70
N ASP B 476 -21.81 -15.33 -28.84
CA ASP B 476 -21.85 -16.59 -28.12
C ASP B 476 -20.65 -17.43 -28.55
N ALA B 477 -19.75 -17.69 -27.60
CA ALA B 477 -18.50 -18.35 -27.95
C ALA B 477 -18.67 -19.83 -28.23
N HIS B 478 -19.84 -20.40 -27.96
CA HIS B 478 -20.13 -21.79 -28.27
C HIS B 478 -20.85 -21.93 -29.62
N SER B 479 -21.99 -21.27 -29.77
CA SER B 479 -22.75 -21.32 -31.02
C SER B 479 -22.14 -20.45 -32.11
N LEU B 480 -21.27 -19.52 -31.73
CA LEU B 480 -20.63 -18.55 -32.61
C LEU B 480 -21.61 -17.62 -33.30
N GLU B 481 -22.80 -17.46 -32.72
CA GLU B 481 -23.77 -16.49 -33.20
C GLU B 481 -23.53 -15.14 -32.53
N GLU B 482 -23.70 -14.07 -33.31
CA GLU B 482 -23.70 -12.73 -32.74
C GLU B 482 -24.94 -12.54 -31.88
N VAL B 483 -24.78 -12.01 -30.68
CA VAL B 483 -25.92 -11.76 -29.81
C VAL B 483 -26.14 -10.28 -29.52
N LYS B 484 -25.15 -9.43 -29.72
CA LYS B 484 -25.31 -8.02 -29.40
C LYS B 484 -24.22 -7.24 -30.10
N ARG B 485 -24.51 -5.96 -30.35
CA ARG B 485 -23.62 -5.07 -31.08
C ARG B 485 -23.75 -3.68 -30.47
N LEU B 486 -22.62 -3.10 -30.04
CA LEU B 486 -22.62 -1.75 -29.47
C LEU B 486 -21.85 -0.81 -30.38
N PRO B 487 -22.48 0.18 -31.02
CA PRO B 487 -21.73 1.08 -31.91
C PRO B 487 -20.73 1.92 -31.12
N MET B 488 -19.52 2.03 -31.67
CA MET B 488 -18.45 2.78 -31.04
C MET B 488 -17.50 3.30 -32.11
N ASN B 489 -16.79 4.37 -31.77
CA ASN B 489 -15.82 5.01 -32.67
C ASN B 489 -14.46 4.37 -32.40
N LYS B 490 -14.03 3.50 -33.32
CA LYS B 490 -12.75 2.80 -33.22
C LYS B 490 -12.53 2.20 -31.82
N PRO B 491 -13.41 1.30 -31.38
CA PRO B 491 -13.07 0.50 -30.21
C PRO B 491 -11.85 -0.33 -30.51
N SER B 492 -10.94 -0.41 -29.53
CA SER B 492 -9.73 -1.18 -29.71
C SER B 492 -9.74 -2.31 -28.70
N GLY B 493 -8.90 -2.24 -27.67
CA GLY B 493 -8.90 -3.29 -26.67
C GLY B 493 -10.12 -3.22 -25.76
N LYS B 494 -10.54 -4.37 -25.28
CA LYS B 494 -11.38 -4.45 -24.09
C LYS B 494 -10.82 -5.55 -23.21
N TYR B 495 -11.05 -5.40 -21.91
CA TYR B 495 -10.29 -6.13 -20.90
C TYR B 495 -11.22 -6.56 -19.78
N ASN B 496 -11.31 -7.86 -19.58
CA ASN B 496 -12.21 -8.47 -18.60
C ASN B 496 -11.48 -8.60 -17.27
N VAL B 497 -12.05 -7.99 -16.23
CA VAL B 497 -11.39 -8.03 -14.92
C VAL B 497 -11.04 -9.47 -14.55
N GLY B 498 -12.04 -10.36 -14.59
CA GLY B 498 -11.84 -11.70 -14.10
C GLY B 498 -10.72 -12.44 -14.82
N ASN B 499 -10.66 -12.30 -16.13
CA ASN B 499 -9.63 -13.00 -16.90
C ASN B 499 -8.25 -12.38 -16.70
N LYS B 500 -8.18 -11.05 -16.52
CA LYS B 500 -6.89 -10.39 -16.43
C LYS B 500 -6.22 -10.55 -15.08
N ILE B 501 -7.00 -10.75 -14.01
CA ILE B 501 -6.43 -10.96 -12.68
C ILE B 501 -6.29 -12.44 -12.35
N GLY B 502 -6.89 -13.34 -13.12
CA GLY B 502 -6.80 -14.75 -12.89
C GLY B 502 -5.88 -15.44 -13.88
#